data_5DHH
#
_entry.id   5DHH
#
_cell.length_a   42.300
_cell.length_b   168.941
_cell.length_c   65.472
_cell.angle_alpha   90.00
_cell.angle_beta   103.50
_cell.angle_gamma   90.00
#
_symmetry.space_group_name_H-M   'P 1 21 1'
#
loop_
_entity.id
_entity.type
_entity.pdbx_description
1 polymer 'Soluble cytochrome b562,Nociceptin receptor'
2 non-polymer 'OLEIC ACID'
3 non-polymer (5S,7S)-7-{[4-(2,6-dichlorophenyl)piperidin-1-yl]methyl}-1-methyl-6,7,8,9-tetrahydro-5H-benzo[7]annulen-5-ol
4 non-polymer '(2R)-2,3-dihydroxypropyl (9Z)-octadec-9-enoate'
#
_entity_poly.entity_id   1
_entity_poly.type   'polypeptide(L)'
_entity_poly.pdbx_seq_one_letter_code
;DYKDDDDGAPADLEDNWETLNDNLKVIEKADNAAQVKDALTKMRAAALDAQKATPPKLEDKSPDSPEMKDFRHGFDILVG
QIDDALKLANEGKVKEAQAAAEQLKTTRNAYIQKYLGAFLPLGLKVTIVGLYLAVCVGGLLGNCLVMYVILRHTKMKTAT
NIYIFNLALADTLVLLTLPFQGTDILLGFWPFGNALCKTVIAIDYYNMFTSTFTLTAMSVDRYVAICHPIRALDVRTSSK
AQAVNVAIWALASVVGVPVAIMGSAQVEDEEIECLVEIPTPQDYWGPVFAICIFLFSFIVPVLVISVCYSLMIRRLRGVR
LLSGSREKDRNLRRITRLVLVVVAVFVGCWTPVQVFVLAQGLGVQPSSETAVAILRFCTALGYVNSCLNPILYAFLDENF
KACFRKFCCASALGRPLEVLFQGP
;
_entity_poly.pdbx_strand_id   A,B
#
# COMPACT_ATOMS: atom_id res chain seq x y z
N PHE A 119 -5.71 1.47 -27.95
CA PHE A 119 -6.28 0.86 -26.76
C PHE A 119 -5.20 0.16 -25.93
N LEU A 120 -5.61 -0.49 -24.84
CA LEU A 120 -4.67 -1.18 -23.96
C LEU A 120 -5.22 -2.51 -23.47
N PRO A 121 -4.38 -3.54 -23.38
CA PRO A 121 -4.80 -4.81 -22.80
C PRO A 121 -5.11 -4.68 -21.32
N LEU A 122 -5.95 -5.59 -20.83
CA LEU A 122 -6.39 -5.53 -19.44
C LEU A 122 -5.24 -5.78 -18.46
N GLY A 123 -4.28 -6.63 -18.83
CA GLY A 123 -3.15 -6.88 -17.94
C GLY A 123 -2.32 -5.63 -17.72
N LEU A 124 -2.02 -4.91 -18.80
CA LEU A 124 -1.30 -3.65 -18.68
C LEU A 124 -2.09 -2.65 -17.85
N LYS A 125 -3.42 -2.65 -18.00
CA LYS A 125 -4.26 -1.75 -17.22
C LYS A 125 -4.14 -2.06 -15.72
N VAL A 126 -4.30 -3.33 -15.35
CA VAL A 126 -4.21 -3.71 -13.94
C VAL A 126 -2.83 -3.41 -13.39
N THR A 127 -1.79 -3.57 -14.22
CA THR A 127 -0.44 -3.22 -13.79
C THR A 127 -0.32 -1.72 -13.52
N ILE A 128 -0.78 -0.90 -14.46
CA ILE A 128 -0.71 0.55 -14.31
C ILE A 128 -1.47 0.99 -13.07
N VAL A 129 -2.73 0.59 -12.95
CA VAL A 129 -3.56 1.01 -11.84
C VAL A 129 -3.03 0.48 -10.51
N GLY A 130 -2.41 -0.71 -10.53
CA GLY A 130 -1.73 -1.18 -9.34
C GLY A 130 -0.58 -0.27 -8.93
N LEU A 131 0.23 0.14 -9.91
CA LEU A 131 1.28 1.12 -9.65
C LEU A 131 0.69 2.41 -9.10
N TYR A 132 -0.45 2.83 -9.66
CA TYR A 132 -1.12 4.02 -9.16
C TYR A 132 -1.52 3.85 -7.69
N LEU A 133 -2.02 2.67 -7.33
CA LEU A 133 -2.42 2.42 -5.95
C LEU A 133 -1.23 2.51 -5.02
N ALA A 134 -0.12 1.86 -5.37
CA ALA A 134 1.07 1.91 -4.53
C ALA A 134 1.56 3.35 -4.39
N VAL A 135 1.70 4.06 -5.51
CA VAL A 135 2.11 5.46 -5.50
C VAL A 135 1.17 6.28 -4.63
N CYS A 136 -0.13 5.98 -4.68
CA CYS A 136 -1.11 6.76 -3.95
C CYS A 136 -0.97 6.56 -2.44
N VAL A 137 -0.92 5.30 -2.00
CA VAL A 137 -0.84 5.00 -0.57
C VAL A 137 0.46 5.50 0.01
N GLY A 138 1.59 5.01 -0.52
CA GLY A 138 2.89 5.42 -0.02
C GLY A 138 3.13 6.91 -0.15
N GLY A 139 2.63 7.52 -1.23
CA GLY A 139 2.82 8.94 -1.42
C GLY A 139 2.02 9.78 -0.44
N LEU A 140 0.75 9.42 -0.24
CA LEU A 140 -0.08 10.15 0.71
C LEU A 140 0.45 9.98 2.13
N LEU A 141 0.86 8.77 2.48
CA LEU A 141 1.45 8.55 3.80
C LEU A 141 2.70 9.39 4.00
N GLY A 142 3.63 9.33 3.05
CA GLY A 142 4.88 10.05 3.19
C GLY A 142 4.69 11.56 3.19
N ASN A 143 3.86 12.07 2.29
CA ASN A 143 3.67 13.51 2.18
C ASN A 143 2.92 14.06 3.38
N CYS A 144 1.83 13.40 3.78
CA CYS A 144 1.14 13.80 4.99
C CYS A 144 2.08 13.74 6.19
N LEU A 145 3.01 12.79 6.19
CA LEU A 145 3.99 12.71 7.27
C LEU A 145 4.94 13.90 7.23
N VAL A 146 5.36 14.31 6.03
CA VAL A 146 6.25 15.46 5.91
C VAL A 146 5.56 16.72 6.40
N MET A 147 4.35 16.98 5.89
CA MET A 147 3.58 18.15 6.32
C MET A 147 3.35 18.11 7.83
N TYR A 148 2.96 16.95 8.34
CA TYR A 148 2.76 16.80 9.79
C TYR A 148 4.05 17.08 10.56
N VAL A 149 5.20 16.67 10.00
CA VAL A 149 6.47 16.95 10.65
C VAL A 149 6.68 18.46 10.77
N ILE A 150 6.78 19.15 9.63
CA ILE A 150 7.06 20.57 9.61
C ILE A 150 6.03 21.38 10.40
N LEU A 151 4.82 20.83 10.59
CA LEU A 151 3.71 21.56 11.19
C LEU A 151 3.56 21.27 12.68
N ARG A 152 3.27 20.01 13.03
CA ARG A 152 2.81 19.66 14.37
C ARG A 152 3.77 18.73 15.10
N HIS A 153 5.02 18.64 14.68
CA HIS A 153 5.96 17.74 15.32
C HIS A 153 7.27 18.43 15.66
N THR A 154 7.47 19.68 15.24
CA THR A 154 8.75 20.37 15.42
C THR A 154 8.58 21.84 15.04
N LYS A 155 9.71 22.55 15.06
CA LYS A 155 9.85 23.89 14.51
C LYS A 155 10.92 23.82 13.42
N MET A 156 10.63 23.05 12.38
CA MET A 156 11.50 22.93 11.22
C MET A 156 11.20 23.97 10.16
N LYS A 157 10.54 25.06 10.54
CA LYS A 157 10.06 26.05 9.58
C LYS A 157 11.20 26.86 9.01
N THR A 158 12.15 26.21 8.36
CA THR A 158 13.08 26.91 7.50
C THR A 158 12.39 27.22 6.19
N ALA A 159 12.91 28.23 5.46
CA ALA A 159 12.33 28.58 4.18
C ALA A 159 12.32 27.38 3.23
N THR A 160 13.41 26.61 3.22
CA THR A 160 13.48 25.40 2.41
C THR A 160 12.32 24.46 2.73
N ASN A 161 12.05 24.26 4.02
CA ASN A 161 10.99 23.35 4.42
C ASN A 161 9.60 23.94 4.19
N ILE A 162 9.50 25.26 4.12
CA ILE A 162 8.23 25.87 3.73
C ILE A 162 7.93 25.54 2.26
N TYR A 163 8.94 25.71 1.40
CA TYR A 163 8.82 25.32 0.00
C TYR A 163 8.54 23.83 -0.12
N ILE A 164 9.27 23.02 0.65
CA ILE A 164 9.05 21.57 0.66
C ILE A 164 7.61 21.26 1.06
N PHE A 165 7.08 22.00 2.04
CA PHE A 165 5.69 21.83 2.45
C PHE A 165 4.75 22.12 1.28
N ASN A 166 5.04 23.18 0.52
CA ASN A 166 4.26 23.49 -0.67
C ASN A 166 4.28 22.33 -1.66
N LEU A 167 5.47 21.77 -1.89
CA LEU A 167 5.62 20.62 -2.79
C LEU A 167 4.77 19.45 -2.32
N ALA A 168 4.90 19.08 -1.05
CA ALA A 168 4.13 17.95 -0.51
C ALA A 168 2.63 18.23 -0.58
N LEU A 169 2.23 19.49 -0.54
CA LEU A 169 0.81 19.84 -0.63
C LEU A 169 0.27 19.55 -2.03
N ALA A 170 0.92 20.09 -3.07
CA ALA A 170 0.50 19.82 -4.43
C ALA A 170 0.53 18.33 -4.73
N ASP A 171 1.60 17.65 -4.30
CA ASP A 171 1.69 16.21 -4.53
C ASP A 171 0.53 15.48 -3.87
N THR A 172 0.17 15.88 -2.65
CA THR A 172 -0.99 15.31 -1.98
C THR A 172 -2.23 15.39 -2.87
N LEU A 173 -2.47 16.57 -3.44
CA LEU A 173 -3.68 16.83 -4.20
C LEU A 173 -3.77 15.97 -5.45
N VAL A 174 -2.68 15.92 -6.23
CA VAL A 174 -2.66 15.12 -7.45
C VAL A 174 -2.79 13.64 -7.11
N LEU A 175 -2.19 13.21 -5.99
CA LEU A 175 -2.28 11.82 -5.58
C LEU A 175 -3.73 11.42 -5.34
N LEU A 176 -4.52 12.34 -4.77
CA LEU A 176 -5.95 12.09 -4.63
C LEU A 176 -6.63 11.89 -5.98
N THR A 177 -6.14 12.53 -7.05
CA THR A 177 -6.77 12.32 -8.35
C THR A 177 -6.48 10.94 -8.92
N LEU A 178 -5.41 10.28 -8.48
CA LEU A 178 -5.02 9.01 -9.08
C LEU A 178 -6.08 7.90 -9.01
N PRO A 179 -6.86 7.76 -7.93
CA PRO A 179 -7.94 6.76 -7.98
C PRO A 179 -8.90 6.97 -9.14
N PHE A 180 -9.23 8.23 -9.45
CA PHE A 180 -10.20 8.52 -10.50
C PHE A 180 -9.57 8.35 -11.88
N GLN A 181 -8.32 8.78 -12.03
CA GLN A 181 -7.59 8.51 -13.26
C GLN A 181 -7.49 7.01 -13.51
N GLY A 182 -7.30 6.23 -12.45
CA GLY A 182 -7.18 4.78 -12.59
C GLY A 182 -8.48 4.13 -13.02
N THR A 183 -9.58 4.49 -12.36
CA THR A 183 -10.89 4.00 -12.80
C THR A 183 -11.12 4.36 -14.26
N ASP A 184 -10.77 5.60 -14.62
CA ASP A 184 -10.90 6.04 -16.01
C ASP A 184 -10.09 5.17 -16.95
N ILE A 185 -8.85 4.86 -16.57
CA ILE A 185 -7.99 4.03 -17.42
C ILE A 185 -8.57 2.64 -17.58
N LEU A 186 -9.09 2.07 -16.49
CA LEU A 186 -9.70 0.73 -16.55
C LEU A 186 -10.93 0.74 -17.44
N LEU A 187 -11.88 1.64 -17.16
CA LEU A 187 -13.14 1.64 -17.90
C LEU A 187 -12.95 2.08 -19.34
N GLY A 188 -11.91 2.86 -19.63
CA GLY A 188 -11.73 3.44 -20.94
C GLY A 188 -12.48 4.73 -21.17
N PHE A 189 -13.22 5.22 -20.19
CA PHE A 189 -13.98 6.46 -20.33
C PHE A 189 -14.06 7.15 -18.98
N TRP A 190 -14.59 8.38 -18.97
CA TRP A 190 -14.72 9.16 -17.74
C TRP A 190 -16.16 9.11 -17.24
N PRO A 191 -16.43 8.51 -16.09
CA PRO A 191 -17.82 8.33 -15.65
C PRO A 191 -18.28 9.29 -14.56
N PHE A 192 -17.38 10.15 -14.08
CA PHE A 192 -17.66 10.98 -12.91
C PHE A 192 -18.31 12.31 -13.26
N GLY A 193 -18.46 12.64 -14.54
CA GLY A 193 -19.10 13.89 -14.91
C GLY A 193 -18.12 15.01 -15.18
N ASN A 194 -18.63 16.24 -15.07
CA ASN A 194 -17.85 17.43 -15.37
C ASN A 194 -17.09 17.95 -14.16
N ALA A 195 -17.76 18.04 -13.00
CA ALA A 195 -17.17 18.72 -11.85
C ALA A 195 -15.87 18.06 -11.42
N LEU A 196 -15.89 16.74 -11.21
CA LEU A 196 -14.67 16.04 -10.85
C LEU A 196 -13.63 16.10 -11.96
N CYS A 197 -14.08 16.18 -13.22
CA CYS A 197 -13.15 16.29 -14.34
C CYS A 197 -12.40 17.61 -14.28
N LYS A 198 -13.14 18.72 -14.13
CA LYS A 198 -12.53 20.04 -13.97
C LYS A 198 -11.58 20.07 -12.76
N THR A 199 -12.01 19.49 -11.65
CA THR A 199 -11.16 19.42 -10.46
C THR A 199 -9.85 18.70 -10.75
N VAL A 200 -9.94 17.56 -11.45
CA VAL A 200 -8.75 16.75 -11.72
C VAL A 200 -7.80 17.51 -12.64
N ILE A 201 -8.32 18.07 -13.72
CA ILE A 201 -7.49 18.81 -14.68
C ILE A 201 -6.82 19.99 -13.98
N ALA A 202 -7.60 20.76 -13.21
CA ALA A 202 -7.04 21.90 -12.51
C ALA A 202 -5.93 21.48 -11.57
N ILE A 203 -6.18 20.45 -10.75
CA ILE A 203 -5.16 19.95 -9.83
C ILE A 203 -3.93 19.50 -10.60
N ASP A 204 -4.12 18.98 -11.82
CA ASP A 204 -3.01 18.53 -12.64
C ASP A 204 -2.10 19.69 -13.02
N TYR A 205 -2.66 20.71 -13.68
CA TYR A 205 -1.86 21.86 -14.10
C TYR A 205 -1.29 22.58 -12.89
N TYR A 206 -2.11 22.77 -11.86
CA TYR A 206 -1.63 23.36 -10.62
C TYR A 206 -0.41 22.61 -10.11
N ASN A 207 -0.47 21.27 -10.15
CA ASN A 207 0.65 20.45 -9.68
C ASN A 207 1.93 20.76 -10.46
N MET A 208 1.84 20.76 -11.79
CA MET A 208 3.03 21.00 -12.61
C MET A 208 3.62 22.38 -12.34
N PHE A 209 2.80 23.43 -12.50
CA PHE A 209 3.30 24.80 -12.35
C PHE A 209 3.79 25.07 -10.94
N THR A 210 3.01 24.67 -9.93
CA THR A 210 3.43 24.87 -8.55
C THR A 210 4.74 24.18 -8.25
N SER A 211 4.89 22.94 -8.71
CA SER A 211 6.12 22.19 -8.48
C SER A 211 7.32 22.91 -9.06
N THR A 212 7.26 23.28 -10.34
CA THR A 212 8.41 23.91 -10.98
C THR A 212 8.71 25.27 -10.37
N PHE A 213 7.67 26.06 -10.09
CA PHE A 213 7.89 27.38 -9.50
C PHE A 213 8.49 27.26 -8.10
N THR A 214 7.99 26.33 -7.30
CA THR A 214 8.52 26.14 -5.96
C THR A 214 9.98 25.69 -6.01
N LEU A 215 10.30 24.75 -6.90
CA LEU A 215 11.68 24.35 -7.10
C LEU A 215 12.55 25.54 -7.48
N THR A 216 12.03 26.40 -8.36
CA THR A 216 12.77 27.61 -8.74
C THR A 216 13.03 28.49 -7.53
N ALA A 217 12.01 28.71 -6.71
CA ALA A 217 12.18 29.51 -5.49
C ALA A 217 13.20 28.87 -4.57
N MET A 218 13.20 27.54 -4.47
CA MET A 218 14.19 26.85 -3.64
C MET A 218 15.60 27.12 -4.13
N SER A 219 15.82 27.00 -5.44
CA SER A 219 17.14 27.22 -6.00
C SER A 219 17.59 28.67 -5.82
N VAL A 220 16.68 29.62 -6.03
CA VAL A 220 16.99 31.03 -5.83
C VAL A 220 17.36 31.27 -4.37
N ASP A 221 16.60 30.68 -3.44
CA ASP A 221 16.92 30.80 -2.02
C ASP A 221 18.28 30.21 -1.71
N ARG A 222 18.60 29.07 -2.32
CA ARG A 222 19.93 28.47 -2.15
C ARG A 222 21.02 29.44 -2.59
N TYR A 223 20.84 30.08 -3.75
CA TYR A 223 21.84 31.03 -4.23
C TYR A 223 21.92 32.25 -3.34
N VAL A 224 20.79 32.69 -2.79
CA VAL A 224 20.79 33.79 -1.83
C VAL A 224 21.64 33.43 -0.62
N ALA A 225 21.47 32.20 -0.12
CA ALA A 225 22.20 31.78 1.08
C ALA A 225 23.69 31.64 0.80
N ILE A 226 24.05 31.08 -0.35
CA ILE A 226 25.46 30.88 -0.68
C ILE A 226 26.14 32.21 -0.94
N CYS A 227 25.51 33.07 -1.74
CA CYS A 227 26.14 34.32 -2.15
C CYS A 227 26.03 35.41 -1.08
N HIS A 228 24.93 35.43 -0.33
CA HIS A 228 24.69 36.45 0.70
C HIS A 228 24.44 35.77 2.05
N PRO A 229 25.48 35.19 2.66
CA PRO A 229 25.30 34.53 3.96
C PRO A 229 25.20 35.52 5.12
N ARG A 236 16.65 35.17 4.87
CA ARG A 236 15.64 34.20 4.45
C ARG A 236 14.77 33.78 5.65
N THR A 237 13.51 34.23 5.61
CA THR A 237 12.56 34.01 6.70
C THR A 237 11.43 33.12 6.21
N SER A 238 10.99 32.21 7.09
CA SER A 238 9.93 31.28 6.74
C SER A 238 8.67 31.99 6.26
N SER A 239 8.41 33.19 6.77
CA SER A 239 7.22 33.93 6.38
C SER A 239 7.36 34.53 4.98
N LYS A 240 8.56 35.02 4.65
CA LYS A 240 8.84 35.43 3.27
C LYS A 240 8.63 34.25 2.33
N ALA A 241 9.12 33.06 2.70
CA ALA A 241 8.91 31.87 1.90
C ALA A 241 7.43 31.54 1.76
N GLN A 242 6.65 31.74 2.83
CA GLN A 242 5.21 31.52 2.76
C GLN A 242 4.56 32.48 1.78
N ALA A 243 4.99 33.74 1.80
CA ALA A 243 4.50 34.70 0.82
C ALA A 243 4.86 34.27 -0.60
N VAL A 244 6.08 33.76 -0.79
CA VAL A 244 6.48 33.22 -2.09
C VAL A 244 5.53 32.11 -2.50
N ASN A 245 5.16 31.23 -1.56
CA ASN A 245 4.23 30.15 -1.86
C ASN A 245 2.90 30.71 -2.31
N VAL A 246 2.43 31.78 -1.66
CA VAL A 246 1.18 32.42 -2.04
C VAL A 246 1.24 32.91 -3.48
N ALA A 247 2.34 33.59 -3.83
CA ALA A 247 2.50 34.07 -5.20
C ALA A 247 2.59 32.92 -6.18
N ILE A 248 3.28 31.84 -5.81
CA ILE A 248 3.38 30.67 -6.67
C ILE A 248 1.98 30.16 -7.01
N TRP A 249 1.15 29.97 -5.98
CA TRP A 249 -0.22 29.55 -6.21
C TRP A 249 -1.03 30.58 -6.98
N ALA A 250 -0.67 31.86 -6.90
CA ALA A 250 -1.38 32.88 -7.65
C ALA A 250 -1.15 32.73 -9.15
N LEU A 251 0.12 32.62 -9.56
CA LEU A 251 0.43 32.33 -10.95
C LEU A 251 -0.14 30.99 -11.37
N ALA A 252 0.06 29.95 -10.55
CA ALA A 252 -0.53 28.65 -10.82
C ALA A 252 -2.04 28.73 -10.92
N SER A 253 -2.66 29.77 -10.35
CA SER A 253 -4.08 30.01 -10.54
C SER A 253 -4.36 30.69 -11.87
N VAL A 254 -3.46 31.59 -12.29
CA VAL A 254 -3.58 32.24 -13.59
C VAL A 254 -3.69 31.20 -14.70
N VAL A 255 -2.95 30.10 -14.58
CA VAL A 255 -3.09 29.02 -15.54
C VAL A 255 -4.16 28.01 -15.10
N GLY A 256 -4.34 27.80 -13.79
CA GLY A 256 -5.13 26.67 -13.33
C GLY A 256 -6.63 26.89 -13.40
N VAL A 257 -7.09 28.12 -13.27
CA VAL A 257 -8.52 28.41 -13.32
C VAL A 257 -9.02 28.33 -14.77
N PRO A 258 -8.32 28.91 -15.76
CA PRO A 258 -8.79 28.77 -17.15
C PRO A 258 -9.01 27.34 -17.61
N VAL A 259 -8.07 26.44 -17.32
CA VAL A 259 -8.25 25.04 -17.72
C VAL A 259 -9.38 24.41 -16.94
N ALA A 260 -9.62 24.87 -15.70
CA ALA A 260 -10.74 24.37 -14.94
C ALA A 260 -12.07 24.80 -15.54
N ILE A 261 -12.08 25.91 -16.28
CA ILE A 261 -13.28 26.35 -16.98
C ILE A 261 -13.41 25.63 -18.31
N MET A 262 -12.32 25.57 -19.07
CA MET A 262 -12.30 24.91 -20.36
C MET A 262 -12.35 23.40 -20.25
N GLY A 263 -11.90 22.83 -19.11
CA GLY A 263 -11.94 21.40 -18.95
C GLY A 263 -13.38 20.90 -18.88
N SER A 264 -13.61 19.74 -19.49
CA SER A 264 -14.97 19.23 -19.60
C SER A 264 -14.91 17.75 -19.93
N ALA A 265 -16.00 17.06 -19.61
CA ALA A 265 -16.17 15.64 -19.90
C ALA A 265 -16.99 15.53 -21.18
N GLN A 266 -16.31 15.32 -22.31
CA GLN A 266 -16.94 15.35 -23.62
C GLN A 266 -17.09 13.97 -24.23
N VAL A 267 -18.30 13.67 -24.69
CA VAL A 267 -18.59 12.47 -25.47
C VAL A 267 -18.13 12.70 -26.90
N GLU A 268 -16.82 12.57 -27.12
CA GLU A 268 -16.24 12.89 -28.42
C GLU A 268 -16.78 11.95 -29.50
N ASP A 269 -16.54 10.65 -29.36
CA ASP A 269 -16.84 9.68 -30.39
C ASP A 269 -18.01 8.77 -30.02
N GLU A 270 -18.92 9.26 -29.17
CA GLU A 270 -19.99 8.53 -28.49
C GLU A 270 -19.46 7.89 -27.21
N GLU A 271 -18.28 8.32 -26.76
CA GLU A 271 -17.70 7.87 -25.51
C GLU A 271 -17.20 9.07 -24.71
N ILE A 272 -17.34 8.97 -23.39
CA ILE A 272 -17.03 10.09 -22.51
C ILE A 272 -15.52 10.16 -22.28
N GLU A 273 -14.96 11.37 -22.43
CA GLU A 273 -13.55 11.64 -22.21
C GLU A 273 -13.43 12.92 -21.38
N CYS A 274 -12.29 13.11 -20.71
CA CYS A 274 -11.99 14.28 -19.87
C CYS A 274 -10.82 15.06 -20.47
N LEU A 275 -11.11 16.25 -21.00
CA LEU A 275 -10.06 17.03 -21.67
C LEU A 275 -10.35 18.51 -21.56
N VAL A 276 -9.31 19.31 -21.84
CA VAL A 276 -9.40 20.74 -22.09
C VAL A 276 -9.68 20.95 -23.56
N GLU A 277 -10.60 21.86 -23.87
CA GLU A 277 -11.04 22.07 -25.24
C GLU A 277 -10.26 23.22 -25.87
N ILE A 278 -9.53 22.92 -26.93
CA ILE A 278 -8.74 23.91 -27.66
C ILE A 278 -9.64 24.73 -28.57
N PRO A 279 -9.60 26.05 -28.47
CA PRO A 279 -10.46 26.89 -29.31
C PRO A 279 -10.17 26.73 -30.79
N THR A 280 -11.19 26.99 -31.60
CA THR A 280 -11.12 26.87 -33.05
C THR A 280 -10.48 28.12 -33.67
N PRO A 281 -9.61 27.93 -34.69
CA PRO A 281 -9.14 26.65 -35.24
C PRO A 281 -8.04 25.96 -34.40
N GLN A 282 -8.28 24.68 -34.12
CA GLN A 282 -7.44 23.91 -33.21
C GLN A 282 -6.01 23.74 -33.72
N ASP A 283 -5.81 23.81 -35.04
CA ASP A 283 -4.49 23.65 -35.62
C ASP A 283 -3.58 24.84 -35.40
N TYR A 284 -4.10 25.93 -34.84
CA TYR A 284 -3.32 27.09 -34.45
C TYR A 284 -3.20 27.21 -32.94
N TRP A 285 -4.33 27.15 -32.22
CA TRP A 285 -4.31 27.30 -30.78
C TRP A 285 -3.68 26.09 -30.10
N GLY A 286 -3.72 24.93 -30.73
CA GLY A 286 -3.03 23.77 -30.24
C GLY A 286 -1.55 24.03 -30.04
N PRO A 287 -0.86 24.39 -31.13
CA PRO A 287 0.56 24.72 -31.01
C PRO A 287 0.87 25.88 -30.06
N VAL A 288 0.03 26.92 -30.06
CA VAL A 288 0.29 28.07 -29.18
C VAL A 288 0.28 27.64 -27.73
N PHE A 289 -0.81 27.01 -27.30
CA PHE A 289 -0.90 26.52 -25.93
C PHE A 289 0.17 25.48 -25.64
N ALA A 290 0.51 24.66 -26.64
CA ALA A 290 1.52 23.62 -26.46
C ALA A 290 2.87 24.23 -26.13
N ILE A 291 3.38 25.11 -27.01
CA ILE A 291 4.71 25.66 -26.80
C ILE A 291 4.73 26.60 -25.60
N CYS A 292 3.65 27.31 -25.33
CA CYS A 292 3.60 28.19 -24.17
C CYS A 292 3.66 27.39 -22.88
N ILE A 293 2.83 26.35 -22.78
CA ILE A 293 2.85 25.47 -21.62
C ILE A 293 4.22 24.84 -21.46
N PHE A 294 4.83 24.41 -22.56
CA PHE A 294 6.14 23.77 -22.49
C PHE A 294 7.20 24.73 -21.99
N LEU A 295 7.17 25.97 -22.48
CA LEU A 295 8.17 26.95 -22.06
C LEU A 295 7.97 27.34 -20.60
N PHE A 296 6.76 27.80 -20.26
CA PHE A 296 6.53 28.50 -19.00
C PHE A 296 6.19 27.57 -17.83
N SER A 297 5.91 26.29 -18.08
CA SER A 297 5.72 25.32 -17.01
C SER A 297 6.92 24.41 -16.83
N PHE A 298 7.94 24.54 -17.67
CA PHE A 298 9.08 23.63 -17.60
C PHE A 298 10.37 24.36 -17.96
N ILE A 299 10.54 24.73 -19.23
CA ILE A 299 11.86 25.17 -19.72
C ILE A 299 12.34 26.41 -18.99
N VAL A 300 11.54 27.48 -18.99
CA VAL A 300 11.96 28.71 -18.30
C VAL A 300 12.20 28.48 -16.83
N PRO A 301 11.30 27.81 -16.07
CA PRO A 301 11.65 27.42 -14.69
C PRO A 301 12.96 26.65 -14.56
N VAL A 302 13.14 25.60 -15.37
CA VAL A 302 14.37 24.81 -15.33
C VAL A 302 15.58 25.68 -15.65
N LEU A 303 15.42 26.66 -16.53
CA LEU A 303 16.55 27.48 -16.96
C LEU A 303 17.02 28.41 -15.85
N VAL A 304 16.07 28.99 -15.10
CA VAL A 304 16.43 29.83 -13.95
C VAL A 304 17.21 29.01 -12.93
N ILE A 305 16.75 27.79 -12.66
CA ILE A 305 17.46 26.89 -11.75
C ILE A 305 18.88 26.67 -12.23
N SER A 306 19.02 26.37 -13.53
CA SER A 306 20.33 26.14 -14.11
C SER A 306 21.23 27.36 -13.94
N VAL A 307 20.68 28.55 -14.15
CA VAL A 307 21.43 29.78 -13.94
C VAL A 307 21.89 29.89 -12.49
N CYS A 308 20.95 29.68 -11.56
CA CYS A 308 21.26 29.79 -10.14
C CYS A 308 22.42 28.88 -9.76
N TYR A 309 22.35 27.62 -10.17
CA TYR A 309 23.39 26.66 -9.79
C TYR A 309 24.69 26.92 -10.53
N SER A 310 24.62 27.46 -11.75
CA SER A 310 25.84 27.84 -12.46
C SER A 310 26.54 29.00 -11.75
N LEU A 311 25.77 30.01 -11.35
CA LEU A 311 26.33 31.13 -10.59
C LEU A 311 26.91 30.65 -9.27
N MET A 312 26.23 29.71 -8.62
CA MET A 312 26.74 29.14 -7.37
C MET A 312 28.05 28.39 -7.59
N ILE A 313 28.14 27.64 -8.70
CA ILE A 313 29.38 26.94 -9.02
C ILE A 313 30.50 27.93 -9.24
N ARG A 314 30.27 28.96 -10.05
CA ARG A 314 31.28 29.99 -10.28
C ARG A 314 31.69 30.64 -8.97
N ARG A 315 30.74 30.79 -8.05
CA ARG A 315 31.02 31.44 -6.77
C ARG A 315 31.93 30.61 -5.89
N LEU A 316 31.74 29.29 -5.87
CA LEU A 316 32.43 28.42 -4.93
C LEU A 316 33.78 27.93 -5.44
N ARG A 317 34.27 28.46 -6.56
CA ARG A 317 35.58 28.03 -7.06
C ARG A 317 36.70 28.60 -6.21
N GLY A 318 37.64 27.73 -5.83
CA GLY A 318 38.76 28.15 -5.01
C GLY A 318 38.36 28.66 -3.64
N VAL A 319 37.26 28.16 -3.09
CA VAL A 319 36.74 28.61 -1.81
C VAL A 319 36.60 27.36 -0.94
N ARG A 320 37.53 27.19 -0.01
CA ARG A 320 37.52 26.08 0.94
C ARG A 320 37.19 26.62 2.32
N LEU A 321 36.14 26.07 2.93
CA LEU A 321 35.68 26.46 4.27
C LEU A 321 35.33 27.94 4.34
N LEU A 322 34.96 28.53 3.20
CA LEU A 322 34.55 29.93 3.16
C LEU A 322 33.09 30.03 3.62
N SER A 323 32.52 31.23 3.51
CA SER A 323 31.11 31.48 3.81
C SER A 323 30.79 31.25 5.29
N GLY A 324 31.75 31.52 6.18
CA GLY A 324 31.48 31.51 7.60
C GLY A 324 31.88 30.23 8.33
N SER A 325 30.99 29.77 9.22
CA SER A 325 31.32 28.67 10.13
C SER A 325 31.34 27.33 9.40
N ARG A 326 32.40 26.55 9.64
CA ARG A 326 32.65 25.31 8.93
C ARG A 326 31.47 24.34 9.04
N GLU A 327 30.97 24.12 10.25
CA GLU A 327 29.87 23.18 10.46
C GLU A 327 28.60 23.65 9.75
N LYS A 328 28.24 24.91 9.95
CA LYS A 328 27.08 25.48 9.27
C LYS A 328 27.28 25.45 7.76
N ASP A 329 28.52 25.65 7.31
CA ASP A 329 28.83 25.51 5.89
C ASP A 329 28.47 24.13 5.38
N ARG A 330 28.85 23.09 6.13
CA ARG A 330 28.47 21.73 5.79
C ARG A 330 26.95 21.62 5.66
N ASN A 331 26.22 22.16 6.64
CA ASN A 331 24.77 22.15 6.60
C ASN A 331 24.24 22.76 5.31
N LEU A 332 24.72 23.96 4.95
CA LEU A 332 24.34 24.60 3.70
C LEU A 332 24.58 23.68 2.51
N ARG A 333 25.78 23.10 2.44
CA ARG A 333 26.12 22.21 1.33
C ARG A 333 25.12 21.05 1.24
N ARG A 334 24.74 20.47 2.38
CA ARG A 334 23.79 19.38 2.38
C ARG A 334 22.45 19.83 1.81
N ILE A 335 21.96 21.00 2.23
CA ILE A 335 20.69 21.50 1.72
C ILE A 335 20.76 21.74 0.22
N THR A 336 21.86 22.33 -0.24
CA THR A 336 22.03 22.60 -1.66
C THR A 336 21.96 21.31 -2.47
N ARG A 337 22.71 20.29 -2.05
CA ARG A 337 22.67 19.01 -2.76
C ARG A 337 21.28 18.41 -2.72
N LEU A 338 20.57 18.57 -1.60
CA LEU A 338 19.19 18.09 -1.52
C LEU A 338 18.32 18.73 -2.59
N VAL A 339 18.35 20.07 -2.67
CA VAL A 339 17.53 20.79 -3.65
C VAL A 339 17.88 20.33 -5.06
N LEU A 340 19.18 20.23 -5.36
CA LEU A 340 19.61 19.82 -6.69
C LEU A 340 19.12 18.42 -7.02
N VAL A 341 19.17 17.50 -6.06
CA VAL A 341 18.74 16.13 -6.33
C VAL A 341 17.24 16.09 -6.58
N VAL A 342 16.45 16.78 -5.74
CA VAL A 342 15.00 16.81 -5.92
C VAL A 342 14.66 17.36 -7.31
N VAL A 343 15.31 18.46 -7.69
CA VAL A 343 15.12 19.02 -9.03
C VAL A 343 15.46 18.01 -10.10
N ALA A 344 16.58 17.29 -9.93
CA ALA A 344 17.01 16.32 -10.94
C ALA A 344 16.02 15.18 -11.07
N VAL A 345 15.49 14.69 -9.95
CA VAL A 345 14.50 13.61 -9.99
C VAL A 345 13.23 14.09 -10.67
N PHE A 346 12.76 15.29 -10.31
CA PHE A 346 11.57 15.87 -10.93
C PHE A 346 11.72 15.97 -12.44
N VAL A 347 12.76 16.68 -12.89
CA VAL A 347 13.01 16.85 -14.32
C VAL A 347 13.10 15.49 -15.01
N GLY A 348 13.89 14.58 -14.43
CA GLY A 348 14.05 13.28 -15.03
C GLY A 348 12.75 12.50 -15.14
N CYS A 349 11.81 12.75 -14.22
CA CYS A 349 10.54 12.05 -14.24
C CYS A 349 9.54 12.66 -15.22
N TRP A 350 9.61 13.97 -15.45
CA TRP A 350 8.57 14.67 -16.20
C TRP A 350 9.00 15.08 -17.60
N THR A 351 10.29 15.04 -17.92
CA THR A 351 10.74 15.39 -19.26
C THR A 351 10.09 14.55 -20.36
N PRO A 352 9.97 13.22 -20.23
CA PRO A 352 9.32 12.46 -21.31
C PRO A 352 7.88 12.91 -21.55
N VAL A 353 7.15 13.17 -20.47
CA VAL A 353 5.75 13.57 -20.57
C VAL A 353 5.64 14.96 -21.19
N GLN A 354 6.53 15.87 -20.79
CA GLN A 354 6.51 17.23 -21.32
C GLN A 354 6.76 17.21 -22.82
N VAL A 355 7.77 16.46 -23.26
CA VAL A 355 8.08 16.33 -24.68
C VAL A 355 6.91 15.71 -25.43
N PHE A 356 6.37 14.60 -24.90
CA PHE A 356 5.31 13.88 -25.59
C PHE A 356 4.05 14.74 -25.70
N VAL A 357 3.71 15.48 -24.65
CA VAL A 357 2.53 16.34 -24.70
C VAL A 357 2.75 17.50 -25.65
N LEU A 358 3.99 18.03 -25.70
CA LEU A 358 4.32 19.02 -26.71
C LEU A 358 4.08 18.47 -28.10
N ALA A 359 4.51 17.23 -28.34
CA ALA A 359 4.24 16.58 -29.62
C ALA A 359 2.74 16.39 -29.83
N GLN A 360 2.00 16.14 -28.75
CA GLN A 360 0.56 15.99 -28.84
C GLN A 360 -0.09 17.26 -29.35
N GLY A 361 0.37 18.42 -28.87
CA GLY A 361 -0.21 19.68 -29.29
C GLY A 361 0.03 19.98 -30.76
N LEU A 362 1.09 19.42 -31.33
CA LEU A 362 1.37 19.60 -32.75
C LEU A 362 0.57 18.66 -33.64
N GLY A 363 -0.33 17.86 -33.08
CA GLY A 363 -1.13 16.92 -33.84
C GLY A 363 -0.53 15.54 -33.98
N VAL A 364 0.67 15.30 -33.46
CA VAL A 364 1.34 14.01 -33.56
C VAL A 364 0.69 13.08 -32.54
N GLN A 365 -0.17 12.17 -33.01
CA GLN A 365 -0.92 11.31 -32.13
C GLN A 365 -0.43 9.88 -32.17
N PRO A 366 -0.41 9.20 -31.01
CA PRO A 366 -0.06 7.78 -30.98
C PRO A 366 -1.25 6.92 -31.39
N SER A 367 -1.02 6.04 -32.37
CA SER A 367 -2.06 5.14 -32.85
C SER A 367 -1.77 3.68 -32.58
N SER A 368 -0.53 3.34 -32.21
CA SER A 368 -0.18 1.97 -31.85
C SER A 368 -0.55 1.68 -30.40
N GLU A 369 -0.76 0.40 -30.11
CA GLU A 369 -1.02 -0.03 -28.74
C GLU A 369 0.21 0.22 -27.86
N THR A 370 1.40 -0.15 -28.35
CA THR A 370 2.61 0.05 -27.58
C THR A 370 2.93 1.52 -27.37
N ALA A 371 2.57 2.36 -28.33
CA ALA A 371 2.73 3.81 -28.16
C ALA A 371 1.91 4.29 -26.96
N VAL A 372 0.63 3.93 -26.92
CA VAL A 372 -0.23 4.25 -25.77
C VAL A 372 0.40 3.72 -24.49
N ALA A 373 0.97 2.53 -24.54
CA ALA A 373 1.60 1.94 -23.35
C ALA A 373 2.75 2.82 -22.86
N ILE A 374 3.66 3.19 -23.77
CA ILE A 374 4.79 4.03 -23.39
C ILE A 374 4.31 5.34 -22.78
N LEU A 375 3.33 5.98 -23.43
CA LEU A 375 2.79 7.25 -22.94
C LEU A 375 2.20 7.10 -21.54
N ARG A 376 1.34 6.10 -21.35
CA ARG A 376 0.75 5.85 -20.04
C ARG A 376 1.82 5.63 -18.98
N PHE A 377 2.88 4.89 -19.32
CA PHE A 377 3.93 4.59 -18.36
C PHE A 377 4.79 5.80 -18.06
N CYS A 378 4.89 6.75 -19.01
CA CYS A 378 5.60 7.99 -18.73
C CYS A 378 4.82 8.87 -17.77
N THR A 379 3.51 9.01 -18.00
CA THR A 379 2.65 9.69 -17.03
C THR A 379 2.76 9.02 -15.67
N ALA A 380 2.68 7.69 -15.65
CA ALA A 380 2.86 6.95 -14.41
C ALA A 380 4.20 7.29 -13.75
N LEU A 381 5.24 7.50 -14.56
CA LEU A 381 6.55 7.88 -14.02
C LEU A 381 6.47 9.23 -13.31
N GLY A 382 5.76 10.19 -13.89
CA GLY A 382 5.62 11.48 -13.23
C GLY A 382 4.89 11.37 -11.90
N TYR A 383 3.82 10.58 -11.87
CA TYR A 383 3.12 10.34 -10.61
C TYR A 383 4.00 9.58 -9.63
N VAL A 384 4.89 8.73 -10.15
CA VAL A 384 5.89 8.10 -9.28
C VAL A 384 6.74 9.17 -8.60
N ASN A 385 7.12 10.22 -9.35
CA ASN A 385 7.79 11.35 -8.72
C ASN A 385 6.93 11.93 -7.60
N SER A 386 5.63 12.02 -7.81
CA SER A 386 4.73 12.59 -6.82
C SER A 386 4.76 11.80 -5.51
N CYS A 387 5.11 10.52 -5.55
CA CYS A 387 5.35 9.76 -4.34
C CYS A 387 6.82 9.63 -3.98
N LEU A 388 7.72 9.95 -4.92
CA LEU A 388 9.14 9.80 -4.70
C LEU A 388 9.69 10.83 -3.70
N ASN A 389 9.11 12.02 -3.68
CA ASN A 389 9.74 13.15 -3.03
C ASN A 389 10.06 12.95 -1.55
N PRO A 390 9.20 12.35 -0.73
CA PRO A 390 9.56 12.21 0.70
C PRO A 390 10.74 11.28 0.92
N ILE A 391 10.86 10.23 0.11
CA ILE A 391 11.98 9.29 0.23
C ILE A 391 13.29 10.04 0.08
N LEU A 392 13.39 10.88 -0.95
CA LEU A 392 14.55 11.75 -1.13
C LEU A 392 14.81 12.58 0.13
N TYR A 393 13.75 13.06 0.77
CA TYR A 393 13.91 13.78 2.03
C TYR A 393 14.46 12.86 3.11
N ALA A 394 14.04 11.59 3.10
CA ALA A 394 14.44 10.66 4.15
C ALA A 394 15.90 10.26 4.02
N PHE A 395 16.44 10.23 2.81
CA PHE A 395 17.83 9.82 2.61
C PHE A 395 18.80 10.98 2.47
N LEU A 396 18.32 12.17 2.08
CA LEU A 396 19.19 13.29 1.81
C LEU A 396 19.06 14.43 2.81
N ASP A 397 18.05 14.42 3.68
CA ASP A 397 17.88 15.46 4.68
C ASP A 397 18.03 14.84 6.05
N GLU A 398 19.00 15.34 6.82
CA GLU A 398 19.29 14.79 8.14
C GLU A 398 18.12 14.99 9.09
N ASN A 399 17.60 16.22 9.14
CA ASN A 399 16.48 16.50 10.03
C ASN A 399 15.28 15.62 9.70
N PHE A 400 15.02 15.40 8.41
CA PHE A 400 13.91 14.53 8.02
C PHE A 400 14.20 13.07 8.34
N LYS A 401 15.46 12.62 8.17
CA LYS A 401 15.78 11.23 8.42
C LYS A 401 15.67 10.91 9.91
N ALA A 402 16.19 11.80 10.76
CA ALA A 402 16.03 11.64 12.20
C ALA A 402 14.55 11.76 12.58
N CYS A 403 13.88 12.78 12.06
CA CYS A 403 12.51 13.06 12.48
C CYS A 403 11.56 11.97 12.00
N PHE A 404 11.80 11.42 10.81
CA PHE A 404 10.97 10.33 10.33
C PHE A 404 10.92 9.17 11.33
N ARG A 405 12.07 8.79 11.88
CA ARG A 405 12.08 7.68 12.82
C ARG A 405 11.43 8.05 14.16
N LYS A 406 11.65 9.27 14.63
CA LYS A 406 11.04 9.63 15.92
C LYS A 406 9.54 9.90 15.74
N LEU B 13 16.96 -17.61 24.91
CA LEU B 13 17.91 -16.96 24.02
C LEU B 13 17.65 -15.45 23.97
N GLU B 14 16.38 -15.08 24.04
CA GLU B 14 16.02 -13.66 24.05
C GLU B 14 16.61 -12.95 25.26
N ASP B 15 16.57 -13.61 26.42
CA ASP B 15 17.17 -13.03 27.63
C ASP B 15 18.68 -12.99 27.51
N ASN B 16 19.29 -14.04 26.95
CA ASN B 16 20.74 -14.04 26.74
C ASN B 16 21.14 -12.96 25.74
N TRP B 17 20.36 -12.80 24.69
CA TRP B 17 20.60 -11.73 23.72
C TRP B 17 20.53 -10.37 24.38
N GLU B 18 19.46 -10.10 25.14
CA GLU B 18 19.36 -8.85 25.88
C GLU B 18 20.53 -8.68 26.84
N THR B 19 21.03 -9.79 27.42
CA THR B 19 22.17 -9.71 28.32
C THR B 19 23.42 -9.26 27.57
N LEU B 20 23.69 -9.86 26.41
CA LEU B 20 24.83 -9.45 25.60
C LEU B 20 24.73 -7.98 25.23
N ASN B 21 23.52 -7.51 24.90
CA ASN B 21 23.32 -6.11 24.55
C ASN B 21 23.59 -5.22 25.76
N ASP B 22 23.04 -5.59 26.92
CA ASP B 22 23.20 -4.77 28.12
C ASP B 22 24.66 -4.66 28.53
N ASN B 23 25.39 -5.78 28.47
CA ASN B 23 26.80 -5.77 28.80
C ASN B 23 27.62 -5.01 27.75
N LEU B 24 27.17 -5.04 26.49
CA LEU B 24 27.80 -4.20 25.48
C LEU B 24 27.61 -2.73 25.82
N LYS B 25 26.44 -2.37 26.34
CA LYS B 25 26.20 -0.99 26.77
C LYS B 25 27.09 -0.62 27.95
N VAL B 26 27.20 -1.53 28.93
CA VAL B 26 28.02 -1.25 30.10
C VAL B 26 29.47 -1.10 29.70
N ILE B 27 29.96 -1.96 28.81
CA ILE B 27 31.34 -1.87 28.35
C ILE B 27 31.57 -0.56 27.59
N GLU B 28 30.60 -0.17 26.75
CA GLU B 28 30.76 1.04 25.95
C GLU B 28 30.69 2.30 26.82
N LYS B 29 30.05 2.22 27.99
CA LYS B 29 29.87 3.38 28.84
C LYS B 29 30.79 3.39 30.05
N ALA B 30 31.48 2.28 30.32
CA ALA B 30 32.21 2.14 31.58
C ALA B 30 33.31 3.18 31.72
N ASP B 31 33.64 3.49 32.97
CA ASP B 31 34.77 4.34 33.30
C ASP B 31 35.83 3.60 34.08
N ASN B 32 35.63 2.32 34.36
CA ASN B 32 36.55 1.50 35.16
C ASN B 32 36.98 0.29 34.35
N ALA B 33 38.18 -0.21 34.65
CA ALA B 33 38.65 -1.44 34.02
C ALA B 33 37.84 -2.64 34.50
N ALA B 34 37.44 -2.63 35.78
CA ALA B 34 36.69 -3.75 36.33
C ALA B 34 35.33 -3.90 35.66
N GLN B 35 34.66 -2.78 35.39
CA GLN B 35 33.36 -2.82 34.74
C GLN B 35 33.49 -3.37 33.32
N VAL B 36 34.56 -2.99 32.62
CA VAL B 36 34.80 -3.50 31.27
C VAL B 36 35.02 -5.01 31.31
N LYS B 37 35.88 -5.47 32.23
CA LYS B 37 36.14 -6.90 32.35
C LYS B 37 34.86 -7.66 32.70
N ASP B 38 34.03 -7.09 33.58
CA ASP B 38 32.77 -7.72 33.94
C ASP B 38 31.85 -7.85 32.74
N ALA B 39 31.66 -6.74 32.01
CA ALA B 39 30.85 -6.77 30.80
C ALA B 39 31.36 -7.82 29.81
N LEU B 40 32.68 -7.92 29.66
CA LEU B 40 33.26 -8.86 28.71
C LEU B 40 32.98 -10.30 29.13
N THR B 41 33.24 -10.63 30.40
CA THR B 41 33.00 -11.99 30.89
C THR B 41 31.53 -12.37 30.74
N LYS B 42 30.64 -11.50 31.21
CA LYS B 42 29.20 -11.77 31.10
C LYS B 42 28.78 -11.90 29.64
N MET B 43 29.40 -11.13 28.75
CA MET B 43 29.11 -11.25 27.33
C MET B 43 29.52 -12.62 26.80
N ARG B 44 30.71 -13.08 27.20
CA ARG B 44 31.18 -14.39 26.77
C ARG B 44 30.26 -15.50 27.26
N ALA B 45 29.84 -15.43 28.53
CA ALA B 45 28.92 -16.42 29.05
C ALA B 45 27.58 -16.37 28.35
N ALA B 46 27.06 -15.17 28.11
CA ALA B 46 25.78 -15.03 27.42
C ALA B 46 25.86 -15.54 25.98
N ALA B 47 26.97 -15.27 25.30
CA ALA B 47 27.11 -15.71 23.91
C ALA B 47 27.25 -17.23 23.82
N LEU B 48 27.97 -17.84 24.76
CA LEU B 48 28.11 -19.30 24.78
C LEU B 48 26.78 -19.95 25.12
N ASP B 49 26.08 -19.43 26.13
CA ASP B 49 24.79 -20.00 26.52
C ASP B 49 23.75 -19.81 25.43
N ALA B 50 23.83 -18.71 24.68
CA ALA B 50 22.93 -18.51 23.55
C ALA B 50 23.36 -19.28 22.31
N GLN B 51 24.61 -19.74 22.26
CA GLN B 51 25.07 -20.56 21.15
C GLN B 51 24.50 -21.98 21.22
N LYS B 52 24.37 -22.51 22.44
CA LYS B 52 23.75 -23.82 22.61
C LYS B 52 22.24 -23.77 22.40
N ALA B 53 21.63 -22.58 22.42
CA ALA B 53 20.19 -22.43 22.27
C ALA B 53 19.78 -22.58 20.80
N THR B 54 18.47 -22.58 20.57
CA THR B 54 17.91 -22.81 19.24
C THR B 54 16.99 -21.67 18.84
N PRO B 55 17.26 -20.97 17.73
CA PRO B 55 16.39 -19.86 17.34
C PRO B 55 15.01 -20.36 16.95
N PRO B 56 13.99 -19.50 17.06
CA PRO B 56 12.63 -19.95 16.70
C PRO B 56 12.49 -20.31 15.23
N LYS B 57 12.92 -19.42 14.33
CA LYS B 57 12.79 -19.66 12.90
C LYS B 57 13.56 -20.89 12.44
N LEU B 58 14.50 -21.37 13.26
CA LEU B 58 15.27 -22.57 12.95
C LEU B 58 14.80 -23.77 13.77
N GLU B 59 13.60 -23.68 14.35
CA GLU B 59 13.03 -24.84 15.04
C GLU B 59 12.74 -25.99 14.09
N ASP B 60 12.55 -25.71 12.80
CA ASP B 60 12.31 -26.76 11.83
C ASP B 60 13.57 -27.55 11.52
N LYS B 61 14.71 -26.87 11.46
CA LYS B 61 15.93 -27.49 10.97
C LYS B 61 16.66 -28.24 12.08
N SER B 62 17.54 -29.15 11.66
CA SER B 62 18.39 -29.91 12.55
C SER B 62 19.55 -29.04 13.04
N PRO B 63 20.08 -29.31 14.25
CA PRO B 63 21.17 -28.48 14.79
C PRO B 63 22.48 -28.60 14.02
N ASP B 64 22.47 -29.33 12.90
CA ASP B 64 23.63 -29.41 12.03
C ASP B 64 23.32 -28.91 10.62
N SER B 65 22.20 -28.22 10.45
CA SER B 65 21.86 -27.58 9.19
C SER B 65 22.79 -26.37 8.97
N PRO B 66 22.95 -25.91 7.72
CA PRO B 66 23.97 -24.88 7.47
C PRO B 66 23.60 -23.54 8.09
N GLU B 67 22.29 -23.21 8.13
CA GLU B 67 21.87 -21.98 8.80
C GLU B 67 22.25 -22.03 10.27
N MET B 68 21.94 -23.13 10.94
CA MET B 68 22.20 -23.25 12.37
C MET B 68 23.69 -23.38 12.65
N LYS B 69 24.42 -24.09 11.80
CA LYS B 69 25.87 -24.14 11.93
C LYS B 69 26.50 -22.77 11.72
N ASP B 70 25.94 -21.96 10.82
CA ASP B 70 26.40 -20.58 10.65
C ASP B 70 26.03 -19.73 11.85
N PHE B 71 24.89 -20.03 12.48
CA PHE B 71 24.47 -19.35 13.70
C PHE B 71 25.47 -19.59 14.83
N ARG B 72 25.74 -20.87 15.13
CA ARG B 72 26.73 -21.20 16.15
C ARG B 72 28.12 -20.72 15.75
N HIS B 73 28.42 -20.69 14.45
CA HIS B 73 29.72 -20.19 14.01
C HIS B 73 29.84 -18.69 14.26
N GLY B 74 28.78 -17.94 14.00
CA GLY B 74 28.80 -16.53 14.33
C GLY B 74 29.02 -16.28 15.81
N PHE B 75 28.34 -17.05 16.66
CA PHE B 75 28.58 -16.98 18.09
C PHE B 75 30.02 -17.34 18.43
N ASP B 76 30.60 -18.29 17.70
CA ASP B 76 32.01 -18.62 17.89
C ASP B 76 32.89 -17.42 17.61
N ILE B 77 32.69 -16.77 16.46
CA ILE B 77 33.50 -15.62 16.08
C ILE B 77 33.38 -14.53 17.13
N LEU B 78 32.14 -14.20 17.52
CA LEU B 78 31.90 -13.19 18.54
C LEU B 78 32.65 -13.51 19.82
N VAL B 79 32.54 -14.77 20.28
CA VAL B 79 33.21 -15.19 21.51
C VAL B 79 34.72 -15.00 21.38
N GLY B 80 35.28 -15.35 20.22
CA GLY B 80 36.71 -15.17 20.02
C GLY B 80 37.12 -13.71 20.12
N GLN B 81 36.33 -12.83 19.51
CA GLN B 81 36.59 -11.39 19.63
C GLN B 81 36.55 -10.94 21.08
N ILE B 82 35.58 -11.46 21.85
CA ILE B 82 35.50 -11.15 23.28
C ILE B 82 36.75 -11.61 23.99
N ASP B 83 37.25 -12.80 23.65
CA ASP B 83 38.48 -13.30 24.25
C ASP B 83 39.65 -12.37 23.96
N ASP B 84 39.74 -11.89 22.72
CA ASP B 84 40.77 -10.90 22.38
C ASP B 84 40.63 -9.66 23.24
N ALA B 85 39.40 -9.19 23.43
CA ALA B 85 39.17 -8.02 24.27
C ALA B 85 39.61 -8.27 25.70
N LEU B 86 39.36 -9.47 26.22
CA LEU B 86 39.79 -9.81 27.57
C LEU B 86 41.30 -9.87 27.68
N LYS B 87 41.97 -10.37 26.63
CA LYS B 87 43.43 -10.35 26.60
C LYS B 87 43.94 -8.92 26.68
N LEU B 88 43.32 -8.02 25.90
CA LEU B 88 43.67 -6.61 25.97
C LEU B 88 43.45 -6.05 27.37
N ALA B 89 42.35 -6.45 28.01
CA ALA B 89 42.03 -5.94 29.33
C ALA B 89 43.07 -6.39 30.36
N ASN B 90 43.45 -7.67 30.31
CA ASN B 90 44.41 -8.19 31.29
C ASN B 90 45.84 -7.74 31.02
N GLU B 91 46.17 -7.39 29.78
CA GLU B 91 47.48 -6.81 29.50
C GLU B 91 47.59 -5.36 29.97
N GLY B 92 46.48 -4.75 30.38
CA GLY B 92 46.47 -3.38 30.86
C GLY B 92 45.93 -2.36 29.87
N LYS B 93 45.57 -2.77 28.65
CA LYS B 93 45.10 -1.86 27.62
C LYS B 93 43.58 -1.97 27.55
N VAL B 94 42.88 -1.02 28.17
CA VAL B 94 41.44 -1.10 28.33
C VAL B 94 40.71 -0.32 27.25
N LYS B 95 41.28 0.81 26.82
CA LYS B 95 40.65 1.60 25.76
C LYS B 95 40.56 0.78 24.48
N GLU B 96 41.62 0.03 24.16
CA GLU B 96 41.59 -0.87 23.01
C GLU B 96 40.52 -1.93 23.16
N ALA B 97 40.24 -2.36 24.40
CA ALA B 97 39.15 -3.28 24.64
C ALA B 97 37.79 -2.64 24.37
N GLN B 98 37.67 -1.33 24.60
CA GLN B 98 36.44 -0.62 24.26
C GLN B 98 36.24 -0.56 22.75
N ALA B 99 37.30 -0.22 22.01
CA ALA B 99 37.23 -0.31 20.55
C ALA B 99 36.85 -1.71 20.12
N ALA B 100 37.41 -2.73 20.79
CA ALA B 100 37.00 -4.10 20.51
C ALA B 100 35.52 -4.33 20.78
N ALA B 101 34.95 -3.60 21.75
CA ALA B 101 33.51 -3.72 22.00
C ALA B 101 32.71 -3.15 20.83
N GLU B 102 33.19 -2.07 20.22
CA GLU B 102 32.55 -1.56 19.01
C GLU B 102 32.56 -2.61 17.91
N GLN B 103 33.72 -3.24 17.67
CA GLN B 103 33.80 -4.34 16.72
C GLN B 103 32.79 -5.44 17.05
N LEU B 104 32.63 -5.73 18.35
CA LEU B 104 31.65 -6.71 18.78
C LEU B 104 30.25 -6.32 18.33
N LYS B 105 29.92 -5.04 18.36
CA LYS B 105 28.62 -4.58 17.90
C LYS B 105 28.44 -4.86 16.41
N THR B 106 29.49 -4.62 15.61
CA THR B 106 29.40 -4.84 14.18
C THR B 106 29.16 -6.31 13.85
N THR B 107 29.92 -7.20 14.48
CA THR B 107 29.75 -8.63 14.22
C THR B 107 28.37 -9.12 14.65
N ARG B 108 27.96 -8.77 15.87
CA ARG B 108 26.69 -9.27 16.40
C ARG B 108 25.51 -8.83 15.53
N ASN B 109 25.47 -7.54 15.17
CA ASN B 109 24.33 -7.02 14.44
C ASN B 109 24.12 -7.74 13.12
N ALA B 110 25.06 -7.58 12.17
CA ALA B 110 24.84 -8.16 10.85
C ALA B 110 24.77 -9.68 10.90
N TYR B 111 25.66 -10.33 11.65
CA TYR B 111 25.79 -11.79 11.61
C TYR B 111 24.66 -12.53 12.31
N ILE B 112 24.25 -12.09 13.50
CA ILE B 112 23.31 -12.87 14.30
C ILE B 112 21.91 -12.27 14.33
N GLN B 113 21.70 -11.06 13.78
CA GLN B 113 20.35 -10.51 13.81
C GLN B 113 19.41 -11.27 12.89
N LYS B 114 19.90 -11.73 11.74
CA LYS B 114 19.03 -12.38 10.75
C LYS B 114 18.26 -13.55 11.35
N TYR B 115 18.90 -14.31 12.23
CA TYR B 115 18.20 -15.45 12.85
C TYR B 115 17.19 -14.99 13.89
N LEU B 116 17.49 -13.89 14.59
CA LEU B 116 16.52 -13.28 15.49
C LEU B 116 15.25 -12.93 14.72
N ALA B 118 11.44 -12.22 13.38
CA ALA B 118 11.82 -12.69 12.06
C ALA B 118 11.27 -11.76 10.99
N PHE B 119 11.27 -12.22 9.74
CA PHE B 119 10.78 -11.44 8.61
C PHE B 119 10.80 -12.31 7.36
N LEU B 120 10.09 -11.84 6.32
CA LEU B 120 10.03 -12.53 5.04
C LEU B 120 11.07 -11.99 4.06
N PRO B 121 11.53 -12.85 3.14
CA PRO B 121 12.43 -12.37 2.09
C PRO B 121 11.78 -11.26 1.28
N LEU B 122 12.58 -10.24 0.97
CA LEU B 122 12.07 -9.06 0.29
C LEU B 122 11.37 -9.43 -1.02
N GLY B 123 11.89 -10.45 -1.73
CA GLY B 123 11.28 -10.85 -2.99
C GLY B 123 9.89 -11.42 -2.80
N LEU B 124 9.70 -12.25 -1.78
CA LEU B 124 8.38 -12.77 -1.47
C LEU B 124 7.42 -11.65 -1.10
N LYS B 125 7.91 -10.66 -0.35
CA LYS B 125 7.08 -9.52 0.02
C LYS B 125 6.67 -8.73 -1.21
N VAL B 126 7.59 -8.53 -2.15
CA VAL B 126 7.25 -7.89 -3.42
C VAL B 126 6.19 -8.69 -4.15
N THR B 127 6.32 -10.02 -4.14
CA THR B 127 5.35 -10.88 -4.79
C THR B 127 3.96 -10.70 -4.19
N ILE B 128 3.86 -10.79 -2.86
CA ILE B 128 2.57 -10.68 -2.19
C ILE B 128 1.98 -9.28 -2.41
N VAL B 129 2.82 -8.25 -2.33
CA VAL B 129 2.35 -6.88 -2.52
C VAL B 129 1.78 -6.70 -3.92
N GLY B 130 2.54 -7.12 -4.95
CA GLY B 130 2.06 -7.01 -6.31
C GLY B 130 0.79 -7.81 -6.54
N LEU B 131 0.74 -9.03 -6.01
CA LEU B 131 -0.48 -9.83 -6.09
C LEU B 131 -1.65 -9.10 -5.44
N TYR B 132 -1.41 -8.46 -4.28
CA TYR B 132 -2.47 -7.70 -3.63
C TYR B 132 -2.92 -6.54 -4.49
N LEU B 133 -1.98 -5.86 -5.14
CA LEU B 133 -2.33 -4.74 -6.01
C LEU B 133 -3.21 -5.19 -7.16
N ALA B 134 -2.82 -6.27 -7.84
CA ALA B 134 -3.60 -6.78 -8.97
C ALA B 134 -4.97 -7.27 -8.50
N VAL B 135 -4.99 -8.01 -7.38
CA VAL B 135 -6.26 -8.52 -6.86
C VAL B 135 -7.19 -7.37 -6.49
N CYS B 136 -6.63 -6.33 -5.87
CA CYS B 136 -7.43 -5.17 -5.47
C CYS B 136 -8.00 -4.46 -6.69
N VAL B 137 -7.17 -4.22 -7.70
CA VAL B 137 -7.61 -3.47 -8.88
C VAL B 137 -8.67 -4.24 -9.64
N GLY B 138 -8.29 -5.42 -10.15
CA GLY B 138 -9.24 -6.23 -10.92
C GLY B 138 -10.47 -6.63 -10.13
N GLY B 139 -10.30 -6.86 -8.83
CA GLY B 139 -11.44 -7.20 -8.00
C GLY B 139 -12.41 -6.04 -7.86
N LEU B 140 -11.88 -4.85 -7.53
CA LEU B 140 -12.74 -3.68 -7.43
C LEU B 140 -13.48 -3.43 -8.73
N LEU B 141 -12.75 -3.48 -9.84
CA LEU B 141 -13.36 -3.36 -11.16
C LEU B 141 -14.52 -4.34 -11.33
N GLY B 142 -14.25 -5.63 -11.11
CA GLY B 142 -15.27 -6.64 -11.35
C GLY B 142 -16.47 -6.50 -10.42
N ASN B 143 -16.22 -6.36 -9.12
CA ASN B 143 -17.31 -6.31 -8.15
C ASN B 143 -18.17 -5.06 -8.35
N CYS B 144 -17.52 -3.90 -8.49
CA CYS B 144 -18.26 -2.66 -8.73
C CYS B 144 -19.04 -2.74 -10.03
N LEU B 145 -18.47 -3.40 -11.04
CA LEU B 145 -19.19 -3.63 -12.29
C LEU B 145 -20.46 -4.45 -12.04
N VAL B 146 -20.32 -5.54 -11.26
CA VAL B 146 -21.46 -6.39 -10.93
C VAL B 146 -22.54 -5.59 -10.22
N MET B 147 -22.17 -4.90 -9.14
CA MET B 147 -23.13 -4.11 -8.38
C MET B 147 -23.81 -3.08 -9.27
N TYR B 148 -23.05 -2.47 -10.17
CA TYR B 148 -23.62 -1.47 -11.07
C TYR B 148 -24.66 -2.09 -11.99
N VAL B 149 -24.35 -3.22 -12.62
CA VAL B 149 -25.30 -3.80 -13.57
C VAL B 149 -26.54 -4.31 -12.84
N ILE B 150 -26.40 -4.75 -11.59
CA ILE B 150 -27.57 -5.18 -10.83
C ILE B 150 -28.46 -3.98 -10.52
N LEU B 151 -27.85 -2.86 -10.16
CA LEU B 151 -28.61 -1.68 -9.74
C LEU B 151 -29.31 -1.04 -10.94
N ARG B 152 -28.62 -0.96 -12.08
CA ARG B 152 -29.13 -0.20 -13.21
C ARG B 152 -30.30 -0.89 -13.91
N HIS B 153 -30.24 -2.21 -14.08
CA HIS B 153 -31.18 -2.93 -14.93
C HIS B 153 -32.23 -3.66 -14.10
N THR B 154 -33.50 -3.55 -14.52
CA THR B 154 -34.60 -4.13 -13.76
C THR B 154 -34.64 -5.65 -13.88
N LYS B 155 -34.39 -6.19 -15.07
CA LYS B 155 -34.41 -7.64 -15.25
C LYS B 155 -33.44 -8.33 -14.31
N MET B 156 -32.35 -7.64 -13.93
CA MET B 156 -31.26 -8.25 -13.20
C MET B 156 -31.64 -8.58 -11.77
N LYS B 157 -32.41 -7.73 -11.11
CA LYS B 157 -32.61 -7.81 -9.67
C LYS B 157 -33.41 -9.03 -9.25
N THR B 158 -32.72 -10.15 -9.01
CA THR B 158 -33.34 -11.36 -8.50
C THR B 158 -32.68 -11.72 -7.17
N ALA B 159 -33.38 -12.56 -6.39
CA ALA B 159 -32.92 -12.90 -5.05
C ALA B 159 -31.48 -13.41 -5.08
N THR B 160 -31.19 -14.35 -5.98
CA THR B 160 -29.82 -14.82 -6.16
C THR B 160 -28.87 -13.66 -6.43
N ASN B 161 -29.31 -12.71 -7.28
CA ASN B 161 -28.47 -11.57 -7.62
C ASN B 161 -28.36 -10.59 -6.45
N ILE B 162 -29.37 -10.52 -5.59
CA ILE B 162 -29.28 -9.66 -4.41
C ILE B 162 -28.23 -10.20 -3.46
N TYR B 163 -28.25 -11.52 -3.22
CA TYR B 163 -27.23 -12.14 -2.39
C TYR B 163 -25.85 -11.97 -3.01
N ILE B 164 -25.76 -12.16 -4.33
CA ILE B 164 -24.54 -11.89 -5.07
C ILE B 164 -24.06 -10.47 -4.83
N PHE B 165 -25.01 -9.53 -4.84
CA PHE B 165 -24.69 -8.12 -4.58
C PHE B 165 -24.08 -7.94 -3.19
N ASN B 166 -24.64 -8.62 -2.19
CA ASN B 166 -24.07 -8.59 -0.85
C ASN B 166 -22.64 -9.10 -0.84
N LEU B 167 -22.40 -10.21 -1.54
CA LEU B 167 -21.06 -10.76 -1.66
C LEU B 167 -20.10 -9.75 -2.28
N ALA B 168 -20.51 -9.13 -3.38
CA ALA B 168 -19.68 -8.13 -4.05
C ALA B 168 -19.41 -6.94 -3.14
N LEU B 169 -20.38 -6.58 -2.29
CA LEU B 169 -20.21 -5.47 -1.37
C LEU B 169 -19.11 -5.76 -0.36
N ALA B 170 -19.19 -6.91 0.33
CA ALA B 170 -18.18 -7.26 1.32
C ALA B 170 -16.82 -7.44 0.65
N ASP B 171 -16.80 -8.11 -0.50
CA ASP B 171 -15.55 -8.26 -1.24
C ASP B 171 -14.98 -6.91 -1.63
N THR B 172 -15.85 -5.95 -1.95
CA THR B 172 -15.37 -4.60 -2.22
C THR B 172 -14.70 -4.01 -0.98
N LEU B 173 -15.29 -4.22 0.20
CA LEU B 173 -14.70 -3.73 1.43
C LEU B 173 -13.30 -4.30 1.62
N VAL B 174 -13.14 -5.63 1.46
CA VAL B 174 -11.81 -6.24 1.63
C VAL B 174 -10.88 -5.80 0.52
N LEU B 175 -11.42 -5.63 -0.68
CA LEU B 175 -10.60 -5.25 -1.82
C LEU B 175 -9.99 -3.88 -1.58
N LEU B 176 -10.79 -2.93 -1.12
CA LEU B 176 -10.28 -1.65 -0.64
C LEU B 176 -9.20 -1.84 0.42
N THR B 177 -9.33 -2.91 1.22
CA THR B 177 -8.49 -3.16 2.39
C THR B 177 -7.08 -3.62 2.00
N LEU B 178 -6.95 -4.26 0.85
CA LEU B 178 -5.68 -4.87 0.46
C LEU B 178 -4.49 -3.91 0.42
N PRO B 179 -4.59 -2.70 -0.14
CA PRO B 179 -3.40 -1.83 -0.18
C PRO B 179 -2.71 -1.63 1.16
N PHE B 180 -3.46 -1.46 2.25
CA PHE B 180 -2.87 -1.17 3.54
C PHE B 180 -2.16 -2.39 4.10
N GLN B 181 -2.77 -3.57 3.93
CA GLN B 181 -2.16 -4.82 4.35
C GLN B 181 -0.82 -5.03 3.67
N GLY B 182 -0.74 -4.75 2.37
CA GLY B 182 0.49 -4.99 1.64
C GLY B 182 1.63 -4.13 2.14
N THR B 183 1.37 -2.84 2.34
CA THR B 183 2.39 -1.96 2.91
C THR B 183 2.81 -2.44 4.30
N ASP B 184 1.86 -2.98 5.07
CA ASP B 184 2.20 -3.56 6.36
C ASP B 184 3.15 -4.74 6.20
N ILE B 185 2.95 -5.54 5.16
CA ILE B 185 3.84 -6.67 4.89
C ILE B 185 5.23 -6.17 4.52
N LEU B 186 5.30 -5.15 3.67
CA LEU B 186 6.58 -4.60 3.24
C LEU B 186 7.36 -4.04 4.41
N LEU B 187 6.78 -3.08 5.13
CA LEU B 187 7.53 -2.36 6.15
C LEU B 187 7.87 -3.24 7.34
N GLY B 188 7.09 -4.28 7.61
CA GLY B 188 7.28 -5.10 8.78
C GLY B 188 6.54 -4.63 10.00
N PHE B 189 5.67 -3.63 9.88
CA PHE B 189 4.89 -3.12 10.99
C PHE B 189 3.63 -2.46 10.42
N TRP B 190 2.75 -2.00 11.31
CA TRP B 190 1.51 -1.35 10.89
C TRP B 190 1.63 0.17 10.98
N PRO B 191 1.62 0.89 9.87
CA PRO B 191 1.91 2.34 9.93
C PRO B 191 0.69 3.24 9.82
N PHE B 192 -0.51 2.74 10.09
CA PHE B 192 -1.71 3.54 9.86
C PHE B 192 -2.54 3.80 11.11
N GLY B 193 -2.18 3.25 12.27
CA GLY B 193 -2.84 3.62 13.50
C GLY B 193 -4.05 2.78 13.84
N ASN B 194 -4.64 3.11 14.99
CA ASN B 194 -5.70 2.29 15.57
C ASN B 194 -6.97 2.30 14.72
N ALA B 195 -7.42 3.49 14.33
CA ALA B 195 -8.69 3.61 13.62
C ALA B 195 -8.69 2.74 12.36
N LEU B 196 -7.61 2.80 11.58
CA LEU B 196 -7.53 2.01 10.37
C LEU B 196 -7.34 0.53 10.70
N CYS B 197 -6.63 0.23 11.78
CA CYS B 197 -6.46 -1.16 12.18
C CYS B 197 -7.82 -1.78 12.50
N LYS B 198 -8.61 -1.09 13.33
CA LYS B 198 -9.95 -1.57 13.67
C LYS B 198 -10.82 -1.71 12.43
N THR B 199 -10.76 -0.71 11.54
CA THR B 199 -11.53 -0.79 10.30
C THR B 199 -11.15 -2.03 9.50
N VAL B 200 -9.86 -2.31 9.38
CA VAL B 200 -9.40 -3.45 8.61
C VAL B 200 -9.89 -4.75 9.24
N ILE B 201 -9.64 -4.91 10.54
CA ILE B 201 -10.01 -6.15 11.23
C ILE B 201 -11.50 -6.38 11.13
N ALA B 202 -12.31 -5.37 11.49
CA ALA B 202 -13.75 -5.49 11.40
C ALA B 202 -14.19 -5.85 9.99
N ILE B 203 -13.61 -5.20 8.98
CA ILE B 203 -13.96 -5.48 7.59
C ILE B 203 -13.67 -6.94 7.27
N ASP B 204 -12.58 -7.49 7.83
CA ASP B 204 -12.21 -8.86 7.53
C ASP B 204 -13.18 -9.85 8.13
N TYR B 205 -13.48 -9.70 9.43
CA TYR B 205 -14.43 -10.61 10.07
C TYR B 205 -15.82 -10.47 9.47
N TYR B 206 -16.26 -9.22 9.25
CA TYR B 206 -17.49 -8.97 8.51
C TYR B 206 -17.48 -9.74 7.19
N ASN B 207 -16.36 -9.68 6.47
CA ASN B 207 -16.26 -10.36 5.19
C ASN B 207 -16.48 -11.86 5.32
N MET B 208 -15.78 -12.50 6.25
CA MET B 208 -15.90 -13.95 6.40
C MET B 208 -17.33 -14.35 6.75
N PHE B 209 -17.90 -13.74 7.80
CA PHE B 209 -19.22 -14.14 8.26
C PHE B 209 -20.30 -13.78 7.24
N THR B 210 -20.26 -12.55 6.71
CA THR B 210 -21.29 -12.18 5.74
C THR B 210 -21.17 -12.99 4.46
N SER B 211 -19.96 -13.42 4.09
CA SER B 211 -19.80 -14.23 2.89
C SER B 211 -20.42 -15.60 3.08
N THR B 212 -20.05 -16.28 4.16
CA THR B 212 -20.55 -17.63 4.41
C THR B 212 -22.06 -17.62 4.65
N PHE B 213 -22.54 -16.67 5.46
CA PHE B 213 -23.98 -16.54 5.69
C PHE B 213 -24.71 -16.29 4.38
N THR B 214 -24.21 -15.36 3.56
CA THR B 214 -24.87 -15.06 2.30
C THR B 214 -24.91 -16.29 1.40
N LEU B 215 -23.80 -17.03 1.32
CA LEU B 215 -23.78 -18.27 0.55
C LEU B 215 -24.81 -19.25 1.07
N THR B 216 -24.95 -19.35 2.40
CA THR B 216 -25.98 -20.20 2.99
C THR B 216 -27.36 -19.78 2.49
N ALA B 217 -27.67 -18.49 2.57
CA ALA B 217 -28.96 -18.00 2.09
C ALA B 217 -29.16 -18.31 0.62
N MET B 218 -28.09 -18.21 -0.17
CA MET B 218 -28.18 -18.56 -1.59
C MET B 218 -28.56 -20.03 -1.76
N SER B 219 -27.95 -20.91 -0.96
CA SER B 219 -28.21 -22.33 -1.07
C SER B 219 -29.65 -22.66 -0.68
N VAL B 220 -30.12 -22.08 0.43
CA VAL B 220 -31.50 -22.28 0.85
C VAL B 220 -32.46 -21.76 -0.22
N ASP B 221 -32.15 -20.60 -0.79
CA ASP B 221 -32.97 -20.02 -1.84
C ASP B 221 -33.03 -20.93 -3.05
N ARG B 222 -31.88 -21.49 -3.46
CA ARG B 222 -31.86 -22.48 -4.53
C ARG B 222 -32.74 -23.67 -4.19
N TYR B 223 -32.70 -24.12 -2.93
CA TYR B 223 -33.53 -25.24 -2.49
C TYR B 223 -35.02 -24.90 -2.65
N VAL B 224 -35.41 -23.69 -2.28
CA VAL B 224 -36.79 -23.24 -2.48
C VAL B 224 -37.13 -23.23 -3.96
N ALA B 225 -36.17 -22.82 -4.80
CA ALA B 225 -36.43 -22.73 -6.24
C ALA B 225 -36.68 -24.11 -6.84
N ILE B 226 -35.86 -25.10 -6.47
CA ILE B 226 -35.95 -26.42 -7.09
C ILE B 226 -37.09 -27.23 -6.48
N CYS B 227 -37.17 -27.27 -5.16
CA CYS B 227 -38.12 -28.17 -4.51
C CYS B 227 -39.49 -27.54 -4.33
N HIS B 228 -39.60 -26.22 -4.30
CA HIS B 228 -40.86 -25.53 -4.07
C HIS B 228 -41.14 -24.54 -5.21
N PRO B 229 -41.37 -25.06 -6.44
CA PRO B 229 -41.47 -24.15 -7.59
C PRO B 229 -42.75 -23.35 -7.62
N ILE B 230 -43.87 -23.95 -7.21
CA ILE B 230 -45.18 -23.32 -7.33
C ILE B 230 -45.24 -22.07 -6.49
N ARG B 231 -44.81 -22.17 -5.24
CA ARG B 231 -44.77 -21.01 -4.36
C ARG B 231 -43.46 -20.24 -4.48
N ALA B 232 -42.50 -20.74 -5.27
CA ALA B 232 -41.21 -20.05 -5.41
C ALA B 232 -41.39 -18.64 -5.95
N LEU B 233 -42.27 -18.46 -6.94
CA LEU B 233 -42.42 -17.16 -7.57
C LEU B 233 -42.85 -16.10 -6.56
N ASP B 234 -43.86 -16.42 -5.74
CA ASP B 234 -44.28 -15.47 -4.71
C ASP B 234 -43.21 -15.33 -3.63
N VAL B 235 -42.53 -16.43 -3.28
CA VAL B 235 -41.53 -16.40 -2.21
C VAL B 235 -40.24 -15.72 -2.66
N ARG B 236 -39.79 -16.00 -3.88
CA ARG B 236 -38.44 -15.61 -4.31
C ARG B 236 -38.47 -14.23 -4.97
N THR B 237 -38.56 -13.20 -4.12
CA THR B 237 -38.61 -11.83 -4.59
C THR B 237 -37.44 -11.03 -4.05
N SER B 238 -37.08 -9.98 -4.81
CA SER B 238 -35.91 -9.17 -4.50
C SER B 238 -36.01 -8.54 -3.12
N SER B 239 -37.22 -8.13 -2.72
CA SER B 239 -37.39 -7.43 -1.44
C SER B 239 -37.05 -8.33 -0.26
N LYS B 240 -37.54 -9.57 -0.30
CA LYS B 240 -37.24 -10.52 0.76
C LYS B 240 -35.74 -10.77 0.87
N ALA B 241 -35.06 -10.88 -0.26
CA ALA B 241 -33.62 -11.07 -0.26
C ALA B 241 -32.90 -9.90 0.39
N GLN B 242 -33.38 -8.68 0.16
CA GLN B 242 -32.81 -7.51 0.84
C GLN B 242 -32.95 -7.66 2.35
N ALA B 243 -34.12 -8.09 2.82
CA ALA B 243 -34.31 -8.35 4.23
C ALA B 243 -33.27 -9.34 4.76
N VAL B 244 -33.05 -10.43 4.01
CA VAL B 244 -32.07 -11.43 4.41
C VAL B 244 -30.70 -10.78 4.57
N ASN B 245 -30.31 -9.93 3.61
CA ASN B 245 -29.00 -9.28 3.67
C ASN B 245 -28.88 -8.42 4.92
N VAL B 246 -29.97 -7.74 5.32
CA VAL B 246 -29.95 -6.95 6.54
C VAL B 246 -29.68 -7.84 7.74
N ALA B 247 -30.38 -8.97 7.83
CA ALA B 247 -30.17 -9.90 8.93
C ALA B 247 -28.72 -10.42 8.93
N ILE B 248 -28.18 -10.66 7.73
CA ILE B 248 -26.83 -11.22 7.62
C ILE B 248 -25.81 -10.23 8.19
N TRP B 249 -25.92 -8.96 7.79
CA TRP B 249 -25.03 -7.94 8.34
C TRP B 249 -25.27 -7.72 9.82
N ALA B 250 -26.47 -8.03 10.30
CA ALA B 250 -26.76 -7.89 11.73
C ALA B 250 -26.01 -8.93 12.54
N LEU B 251 -26.06 -10.20 12.11
CA LEU B 251 -25.27 -11.24 12.74
C LEU B 251 -23.79 -10.98 12.57
N ALA B 252 -23.37 -10.67 11.34
CA ALA B 252 -21.97 -10.32 11.08
C ALA B 252 -21.52 -9.15 11.97
N SER B 253 -22.46 -8.30 12.39
CA SER B 253 -22.11 -7.25 13.33
C SER B 253 -22.01 -7.78 14.76
N VAL B 254 -22.87 -8.74 15.11
CA VAL B 254 -22.81 -9.37 16.43
C VAL B 254 -21.42 -9.94 16.66
N VAL B 255 -20.83 -10.55 15.63
CA VAL B 255 -19.43 -10.89 15.70
C VAL B 255 -18.56 -9.68 15.36
N GLY B 256 -19.01 -8.85 14.41
CA GLY B 256 -18.10 -7.94 13.73
C GLY B 256 -17.78 -6.68 14.52
N VAL B 257 -18.79 -6.09 15.16
CA VAL B 257 -18.59 -4.90 15.98
C VAL B 257 -17.73 -5.25 17.20
N PRO B 258 -17.98 -6.36 17.92
CA PRO B 258 -17.06 -6.74 19.02
C PRO B 258 -15.60 -6.83 18.61
N VAL B 259 -15.30 -7.35 17.43
CA VAL B 259 -13.91 -7.54 17.03
C VAL B 259 -13.21 -6.19 16.83
N ALA B 260 -13.95 -5.20 16.33
CA ALA B 260 -13.38 -3.86 16.19
C ALA B 260 -12.95 -3.29 17.54
N ILE B 261 -13.75 -3.54 18.58
CA ILE B 261 -13.46 -2.96 19.90
C ILE B 261 -12.20 -3.56 20.48
N MET B 262 -12.05 -4.88 20.40
CA MET B 262 -10.91 -5.55 21.01
C MET B 262 -9.65 -5.44 20.16
N GLY B 263 -9.79 -5.35 18.84
CA GLY B 263 -8.63 -5.31 17.97
C GLY B 263 -7.92 -3.98 18.05
N SER B 264 -6.59 -4.02 18.00
CA SER B 264 -5.78 -2.81 18.16
C SER B 264 -4.50 -2.94 17.35
N ALA B 265 -4.08 -1.81 16.77
CA ALA B 265 -2.81 -1.76 16.05
C ALA B 265 -1.62 -1.78 16.99
N GLN B 266 -1.76 -1.13 18.13
CA GLN B 266 -0.61 -0.81 18.96
C GLN B 266 0.13 -2.03 19.50
N VAL B 267 1.44 -1.87 19.67
CA VAL B 267 2.32 -2.88 20.26
C VAL B 267 3.61 -2.23 20.74
N GLU B 270 9.46 -3.52 19.65
CA GLU B 270 8.91 -2.16 19.71
C GLU B 270 8.21 -1.78 18.41
N GLU B 271 8.05 -2.75 17.51
CA GLU B 271 7.42 -2.52 16.22
C GLU B 271 5.98 -3.05 16.26
N ILE B 272 5.03 -2.20 15.86
CA ILE B 272 3.61 -2.43 16.07
C ILE B 272 3.03 -3.34 14.99
N GLU B 273 1.90 -3.98 15.31
CA GLU B 273 1.18 -4.86 14.37
C GLU B 273 -0.29 -4.92 14.76
N CYS B 274 -1.16 -4.97 13.76
CA CYS B 274 -2.62 -5.00 13.91
C CYS B 274 -3.12 -6.40 14.22
N LEU B 275 -3.85 -6.55 15.33
CA LEU B 275 -4.35 -7.85 15.76
C LEU B 275 -5.40 -7.68 16.85
N VAL B 276 -6.19 -8.74 17.05
CA VAL B 276 -7.17 -8.84 18.13
C VAL B 276 -6.57 -9.71 19.22
N GLU B 277 -6.35 -9.14 20.40
CA GLU B 277 -5.68 -9.86 21.47
C GLU B 277 -6.66 -10.72 22.25
N ILE B 278 -6.27 -11.96 22.52
CA ILE B 278 -7.11 -12.92 23.22
C ILE B 278 -7.12 -12.62 24.72
N PRO B 279 -8.30 -12.48 25.32
CA PRO B 279 -8.38 -12.14 26.73
C PRO B 279 -7.74 -13.18 27.63
N THR B 280 -7.20 -12.72 28.75
CA THR B 280 -6.54 -13.57 29.75
C THR B 280 -7.58 -14.37 30.54
N PRO B 281 -7.35 -15.68 30.73
CA PRO B 281 -6.21 -16.45 30.21
C PRO B 281 -6.31 -16.78 28.73
N GLN B 282 -5.16 -16.78 28.06
CA GLN B 282 -5.12 -17.11 26.64
C GLN B 282 -5.21 -18.62 26.42
N ASP B 283 -4.73 -19.41 27.38
CA ASP B 283 -4.83 -20.86 27.28
C ASP B 283 -6.27 -21.34 27.33
N TYR B 284 -7.18 -20.52 27.84
CA TYR B 284 -8.60 -20.83 27.87
C TYR B 284 -9.35 -20.14 26.74
N TRP B 285 -9.31 -18.81 26.70
CA TRP B 285 -10.08 -18.06 25.71
C TRP B 285 -9.59 -18.30 24.29
N GLY B 286 -8.31 -18.62 24.11
CA GLY B 286 -7.75 -18.88 22.81
C GLY B 286 -8.49 -19.99 22.08
N PRO B 287 -8.46 -21.20 22.64
CA PRO B 287 -9.18 -22.31 22.00
C PRO B 287 -10.68 -22.08 21.91
N VAL B 288 -11.28 -21.37 22.88
CA VAL B 288 -12.71 -21.11 22.84
C VAL B 288 -13.06 -20.26 21.62
N PHE B 289 -12.40 -19.11 21.49
CA PHE B 289 -12.63 -18.24 20.34
C PHE B 289 -12.27 -18.97 19.05
N ALA B 290 -11.18 -19.74 19.07
CA ALA B 290 -10.74 -20.47 17.88
C ALA B 290 -11.83 -21.42 17.39
N ILE B 291 -12.29 -22.30 18.27
CA ILE B 291 -13.24 -23.33 17.86
C ILE B 291 -14.61 -22.73 17.55
N CYS B 292 -14.99 -21.65 18.25
CA CYS B 292 -16.30 -21.05 18.01
C CYS B 292 -16.32 -20.33 16.67
N ILE B 293 -15.27 -19.53 16.40
CA ILE B 293 -15.15 -18.89 15.10
C ILE B 293 -15.11 -19.93 14.00
N PHE B 294 -14.32 -20.99 14.20
CA PHE B 294 -14.20 -22.05 13.21
C PHE B 294 -15.54 -22.70 12.92
N LEU B 295 -16.34 -22.92 13.95
CA LEU B 295 -17.63 -23.60 13.75
C LEU B 295 -18.65 -22.69 13.11
N PHE B 296 -18.83 -21.49 13.65
CA PHE B 296 -19.94 -20.63 13.28
C PHE B 296 -19.67 -19.78 12.04
N SER B 297 -18.41 -19.49 11.75
CA SER B 297 -18.08 -18.75 10.53
C SER B 297 -17.95 -19.65 9.32
N PHE B 298 -17.53 -20.90 9.51
CA PHE B 298 -17.19 -21.77 8.38
C PHE B 298 -17.99 -23.05 8.36
N ILE B 299 -17.91 -23.88 9.41
CA ILE B 299 -18.47 -25.23 9.40
C ILE B 299 -19.99 -25.20 9.25
N VAL B 300 -20.69 -24.65 10.25
CA VAL B 300 -22.15 -24.64 10.23
C VAL B 300 -22.72 -24.12 8.91
N PRO B 301 -22.26 -22.98 8.37
CA PRO B 301 -22.81 -22.54 7.08
C PRO B 301 -22.62 -23.57 5.97
N VAL B 302 -21.39 -24.04 5.77
CA VAL B 302 -21.11 -25.04 4.74
C VAL B 302 -21.97 -26.27 4.96
N LEU B 303 -22.19 -26.65 6.23
CA LEU B 303 -23.00 -27.82 6.54
C LEU B 303 -24.44 -27.61 6.07
N VAL B 304 -25.02 -26.45 6.38
CA VAL B 304 -26.38 -26.14 5.92
C VAL B 304 -26.44 -26.17 4.40
N ILE B 305 -25.43 -25.61 3.73
CA ILE B 305 -25.37 -25.61 2.28
C ILE B 305 -25.39 -27.04 1.75
N SER B 306 -24.60 -27.92 2.37
CA SER B 306 -24.55 -29.32 1.96
C SER B 306 -25.91 -29.97 2.13
N VAL B 307 -26.60 -29.68 3.22
CA VAL B 307 -27.95 -30.21 3.44
C VAL B 307 -28.87 -29.77 2.31
N CYS B 308 -28.82 -28.48 1.97
CA CYS B 308 -29.65 -27.94 0.90
C CYS B 308 -29.46 -28.74 -0.39
N TYR B 309 -28.21 -28.87 -0.83
CA TYR B 309 -27.94 -29.51 -2.11
C TYR B 309 -28.26 -31.00 -2.08
N SER B 310 -27.95 -31.68 -0.98
CA SER B 310 -28.33 -33.09 -0.84
C SER B 310 -29.84 -33.24 -1.05
N LEU B 311 -30.62 -32.42 -0.34
CA LEU B 311 -32.06 -32.42 -0.52
C LEU B 311 -32.42 -32.20 -1.98
N MET B 312 -31.80 -31.22 -2.63
CA MET B 312 -32.06 -30.97 -4.04
C MET B 312 -31.88 -32.25 -4.87
N ILE B 313 -30.78 -32.97 -4.63
CA ILE B 313 -30.53 -34.23 -5.32
C ILE B 313 -31.71 -35.17 -5.17
N ARG B 314 -31.98 -35.61 -3.93
CA ARG B 314 -33.00 -36.62 -3.73
C ARG B 314 -34.36 -36.14 -4.24
N ARG B 315 -34.67 -34.86 -4.01
CA ARG B 315 -35.95 -34.33 -4.49
C ARG B 315 -36.00 -34.36 -6.00
N LEU B 316 -34.88 -33.99 -6.64
CA LEU B 316 -34.73 -34.13 -8.09
C LEU B 316 -34.24 -35.55 -8.39
N ARG B 317 -35.17 -36.49 -8.17
CA ARG B 317 -34.83 -37.90 -8.25
C ARG B 317 -34.57 -38.31 -9.70
N GLY B 318 -33.99 -39.49 -9.86
CA GLY B 318 -33.88 -40.13 -11.16
C GLY B 318 -35.20 -40.79 -11.54
N SER B 325 -38.34 -29.11 -15.04
CA SER B 325 -39.65 -29.05 -14.41
C SER B 325 -40.78 -28.92 -15.43
N ARG B 326 -41.00 -27.69 -15.94
CA ARG B 326 -42.11 -27.42 -16.83
C ARG B 326 -41.67 -27.16 -18.26
N GLU B 327 -40.73 -26.24 -18.46
CA GLU B 327 -40.14 -25.98 -19.76
C GLU B 327 -38.99 -25.00 -19.56
N LYS B 328 -37.92 -25.21 -20.32
CA LYS B 328 -36.75 -24.34 -20.27
C LYS B 328 -36.31 -24.13 -18.81
N ASP B 329 -36.35 -25.19 -18.02
CA ASP B 329 -35.84 -25.17 -16.66
C ASP B 329 -34.33 -25.07 -16.62
N ARG B 330 -33.70 -25.05 -17.79
CA ARG B 330 -32.25 -25.01 -17.91
C ARG B 330 -31.65 -23.90 -17.07
N ASN B 331 -32.32 -22.73 -17.06
CA ASN B 331 -31.89 -21.60 -16.25
C ASN B 331 -31.72 -22.00 -14.78
N LEU B 332 -32.73 -22.65 -14.21
CA LEU B 332 -32.64 -23.14 -12.83
C LEU B 332 -31.35 -23.91 -12.60
N ARG B 333 -31.13 -24.94 -13.42
CA ARG B 333 -29.92 -25.75 -13.31
C ARG B 333 -28.67 -24.90 -13.39
N ARG B 334 -28.61 -24.01 -14.38
CA ARG B 334 -27.42 -23.16 -14.58
C ARG B 334 -27.14 -22.33 -13.34
N ILE B 335 -28.17 -21.67 -12.79
CA ILE B 335 -27.97 -20.83 -11.61
C ILE B 335 -27.51 -21.69 -10.43
N THR B 336 -28.15 -22.83 -10.23
CA THR B 336 -27.72 -23.78 -9.20
C THR B 336 -26.24 -24.11 -9.35
N ARG B 337 -25.85 -24.49 -10.57
CA ARG B 337 -24.45 -24.76 -10.87
C ARG B 337 -23.56 -23.60 -10.45
N LEU B 338 -23.94 -22.39 -10.86
CA LEU B 338 -23.19 -21.18 -10.51
C LEU B 338 -22.97 -21.08 -9.00
N VAL B 339 -24.07 -21.14 -8.23
CA VAL B 339 -23.97 -21.01 -6.78
C VAL B 339 -23.04 -22.09 -6.22
N LEU B 340 -23.23 -23.33 -6.67
CA LEU B 340 -22.38 -24.43 -6.23
C LEU B 340 -20.91 -24.12 -6.48
N VAL B 341 -20.58 -23.72 -7.70
CA VAL B 341 -19.20 -23.35 -8.04
C VAL B 341 -18.69 -22.27 -7.11
N VAL B 342 -19.47 -21.20 -6.92
CA VAL B 342 -19.06 -20.10 -6.06
C VAL B 342 -18.71 -20.60 -4.67
N VAL B 343 -19.64 -21.34 -4.05
CA VAL B 343 -19.39 -21.92 -2.73
C VAL B 343 -18.10 -22.73 -2.75
N ALA B 344 -17.98 -23.63 -3.72
CA ALA B 344 -16.78 -24.48 -3.85
C ALA B 344 -15.50 -23.65 -3.86
N VAL B 345 -15.42 -22.69 -4.80
CA VAL B 345 -14.22 -21.86 -4.91
C VAL B 345 -13.91 -21.18 -3.57
N PHE B 346 -14.93 -20.57 -2.98
CA PHE B 346 -14.78 -19.93 -1.67
C PHE B 346 -14.18 -20.89 -0.65
N VAL B 347 -14.85 -22.02 -0.44
CA VAL B 347 -14.41 -23.01 0.55
C VAL B 347 -12.95 -23.39 0.29
N GLY B 348 -12.63 -23.69 -0.95
CA GLY B 348 -11.26 -24.00 -1.31
C GLY B 348 -10.29 -22.91 -0.90
N CYS B 349 -10.55 -21.69 -1.37
CA CYS B 349 -9.63 -20.58 -1.14
C CYS B 349 -9.45 -20.29 0.36
N TRP B 350 -10.41 -20.66 1.19
CA TRP B 350 -10.40 -20.25 2.59
C TRP B 350 -10.20 -21.40 3.58
N THR B 351 -10.21 -22.65 3.12
CA THR B 351 -10.10 -23.79 4.02
C THR B 351 -8.73 -23.88 4.69
N PRO B 352 -7.60 -23.72 3.95
CA PRO B 352 -6.29 -23.70 4.62
C PRO B 352 -6.24 -22.66 5.74
N VAL B 353 -6.53 -21.40 5.38
CA VAL B 353 -6.51 -20.30 6.35
C VAL B 353 -7.30 -20.67 7.60
N GLN B 354 -8.56 -21.06 7.41
CA GLN B 354 -9.40 -21.52 8.51
C GLN B 354 -8.67 -22.50 9.42
N VAL B 355 -8.22 -23.61 8.83
CA VAL B 355 -7.52 -24.64 9.59
C VAL B 355 -6.34 -24.05 10.36
N PHE B 356 -5.51 -23.27 9.66
CA PHE B 356 -4.29 -22.73 10.27
C PHE B 356 -4.61 -21.83 11.44
N VAL B 357 -5.59 -20.93 11.26
CA VAL B 357 -5.99 -20.03 12.35
C VAL B 357 -6.51 -20.83 13.53
N LEU B 358 -7.28 -21.87 13.26
CA LEU B 358 -7.74 -22.78 14.30
C LEU B 358 -6.56 -23.35 15.08
N ALA B 359 -5.54 -23.85 14.35
CA ALA B 359 -4.34 -24.37 15.00
C ALA B 359 -3.64 -23.30 15.82
N GLN B 360 -3.57 -22.07 15.31
CA GLN B 360 -3.01 -20.96 16.08
C GLN B 360 -3.78 -20.77 17.38
N GLY B 361 -5.11 -20.81 17.31
CA GLY B 361 -5.92 -20.70 18.51
C GLY B 361 -5.80 -21.88 19.45
N LEU B 362 -5.23 -22.99 18.97
CA LEU B 362 -4.98 -24.17 19.79
C LEU B 362 -3.56 -24.21 20.35
N GLY B 363 -2.71 -23.25 19.98
CA GLY B 363 -1.37 -23.14 20.49
C GLY B 363 -0.28 -23.47 19.49
N VAL B 364 -0.61 -24.19 18.41
CA VAL B 364 0.35 -24.56 17.38
C VAL B 364 0.88 -23.30 16.69
N GLN B 365 2.17 -23.01 16.88
CA GLN B 365 2.75 -21.76 16.39
C GLN B 365 3.77 -21.97 15.29
N PRO B 366 3.57 -21.34 14.13
CA PRO B 366 4.56 -21.43 13.05
C PRO B 366 5.76 -20.51 13.27
N SER B 367 6.87 -21.08 13.74
CA SER B 367 8.06 -20.29 13.99
C SER B 367 8.94 -20.15 12.74
N SER B 368 9.03 -21.21 11.95
CA SER B 368 9.92 -21.22 10.80
C SER B 368 9.45 -20.24 9.73
N GLU B 369 10.42 -19.72 8.97
CA GLU B 369 10.11 -18.77 7.91
C GLU B 369 9.31 -19.44 6.80
N THR B 370 9.59 -20.71 6.52
CA THR B 370 8.83 -21.44 5.51
C THR B 370 7.35 -21.48 5.88
N ALA B 371 7.06 -21.82 7.14
CA ALA B 371 5.68 -21.82 7.61
C ALA B 371 5.04 -20.44 7.46
N VAL B 372 5.81 -19.39 7.75
CA VAL B 372 5.31 -18.03 7.56
C VAL B 372 4.90 -17.81 6.11
N ALA B 373 5.76 -18.21 5.17
CA ALA B 373 5.45 -18.05 3.76
C ALA B 373 4.18 -18.79 3.38
N ILE B 374 4.02 -20.02 3.89
CA ILE B 374 2.81 -20.80 3.64
C ILE B 374 1.58 -20.03 4.09
N LEU B 375 1.61 -19.56 5.35
CA LEU B 375 0.47 -18.82 5.89
C LEU B 375 0.17 -17.58 5.06
N ARG B 376 1.20 -16.80 4.72
CA ARG B 376 1.03 -15.61 3.92
C ARG B 376 0.31 -15.92 2.61
N PHE B 377 0.83 -16.92 1.88
CA PHE B 377 0.27 -17.25 0.58
C PHE B 377 -1.15 -17.80 0.69
N CYS B 378 -1.42 -18.58 1.74
CA CYS B 378 -2.77 -19.08 1.95
C CYS B 378 -3.72 -17.93 2.27
N THR B 379 -3.26 -16.96 3.06
CA THR B 379 -4.04 -15.75 3.28
C THR B 379 -4.31 -15.03 1.96
N ALA B 380 -3.30 -14.95 1.10
CA ALA B 380 -3.46 -14.32 -0.21
C ALA B 380 -4.46 -15.09 -1.07
N LEU B 381 -4.41 -16.42 -1.01
CA LEU B 381 -5.31 -17.24 -1.83
C LEU B 381 -6.77 -16.92 -1.54
N GLY B 382 -7.11 -16.75 -0.26
CA GLY B 382 -8.47 -16.36 0.09
C GLY B 382 -8.84 -14.99 -0.44
N TYR B 383 -7.91 -14.04 -0.35
CA TYR B 383 -8.19 -12.70 -0.86
C TYR B 383 -8.38 -12.70 -2.37
N VAL B 384 -7.71 -13.62 -3.07
CA VAL B 384 -7.96 -13.80 -4.50
C VAL B 384 -9.43 -14.14 -4.77
N ASN B 385 -10.13 -14.72 -3.78
CA ASN B 385 -11.52 -15.10 -4.00
C ASN B 385 -12.38 -13.90 -4.37
N SER B 386 -12.11 -12.74 -3.76
CA SER B 386 -12.94 -11.56 -3.99
C SER B 386 -12.93 -11.14 -5.45
N CYS B 387 -11.74 -11.12 -6.07
CA CYS B 387 -11.66 -10.83 -7.50
C CYS B 387 -12.22 -11.97 -8.34
N LEU B 388 -12.19 -13.19 -7.81
CA LEU B 388 -12.52 -14.37 -8.60
C LEU B 388 -14.00 -14.42 -8.97
N ASN B 389 -14.88 -14.09 -8.04
CA ASN B 389 -16.31 -14.32 -8.24
C ASN B 389 -16.88 -13.60 -9.46
N PRO B 390 -16.59 -12.30 -9.70
CA PRO B 390 -17.01 -11.69 -10.98
C PRO B 390 -16.68 -12.51 -12.22
N ILE B 391 -15.49 -13.11 -12.29
CA ILE B 391 -15.12 -13.92 -13.45
C ILE B 391 -16.05 -15.12 -13.57
N LEU B 392 -16.29 -15.80 -12.45
CA LEU B 392 -17.22 -16.92 -12.42
C LEU B 392 -18.60 -16.48 -12.90
N TYR B 393 -19.06 -15.32 -12.44
CA TYR B 393 -20.32 -14.77 -12.93
C TYR B 393 -20.27 -14.56 -14.44
N ALA B 394 -19.10 -14.20 -14.97
CA ALA B 394 -18.98 -13.97 -16.40
C ALA B 394 -19.01 -15.26 -17.20
N PHE B 395 -18.60 -16.38 -16.58
CA PHE B 395 -18.47 -17.64 -17.30
C PHE B 395 -19.63 -18.60 -17.08
N LEU B 396 -20.43 -18.41 -16.02
CA LEU B 396 -21.52 -19.32 -15.71
C LEU B 396 -22.88 -18.62 -15.63
N ASP B 397 -22.93 -17.31 -15.86
CA ASP B 397 -24.18 -16.56 -15.85
C ASP B 397 -24.27 -15.79 -17.17
N GLU B 398 -25.26 -16.13 -18.00
CA GLU B 398 -25.36 -15.57 -19.34
C GLU B 398 -25.58 -14.07 -19.29
N ASN B 399 -26.35 -13.60 -18.32
CA ASN B 399 -26.74 -12.19 -18.29
C ASN B 399 -25.55 -11.31 -17.91
N PHE B 400 -24.91 -11.63 -16.78
CA PHE B 400 -23.67 -10.95 -16.41
C PHE B 400 -22.68 -11.00 -17.55
N LYS B 401 -22.54 -12.18 -18.17
CA LYS B 401 -21.73 -12.31 -19.37
C LYS B 401 -22.07 -11.22 -20.38
N ALA B 402 -23.37 -11.00 -20.61
CA ALA B 402 -23.80 -10.09 -21.67
C ALA B 402 -23.47 -8.64 -21.35
N CYS B 403 -23.83 -8.17 -20.15
CA CYS B 403 -23.48 -6.81 -19.76
C CYS B 403 -21.98 -6.61 -19.82
N PHE B 404 -21.23 -7.59 -19.31
CA PHE B 404 -19.77 -7.56 -19.39
C PHE B 404 -19.32 -7.51 -20.85
N ARG B 405 -20.07 -8.13 -21.76
CA ARG B 405 -19.78 -8.03 -23.18
C ARG B 405 -19.87 -6.58 -23.66
N LYS B 406 -20.93 -5.88 -23.26
CA LYS B 406 -21.10 -4.50 -23.68
C LYS B 406 -19.91 -3.64 -23.26
N PHE B 407 -19.50 -3.76 -21.99
CA PHE B 407 -18.51 -2.82 -21.46
C PHE B 407 -17.13 -3.02 -22.08
N CYS B 408 -16.74 -4.24 -22.41
CA CYS B 408 -15.43 -4.45 -23.02
C CYS B 408 -15.52 -4.54 -24.54
#